data_1DC6
#
_entry.id   1DC6
#
_cell.length_a   85.45
_cell.length_b   134.47
_cell.length_c   67.34
_cell.angle_alpha   90.00
_cell.angle_beta   107.89
_cell.angle_gamma   90.00
#
_symmetry.space_group_name_H-M   'C 1 2 1'
#
loop_
_entity.id
_entity.type
_entity.pdbx_description
1 polymer 'GLYCERALDEHYDE-3-PHOSPHATE DEHYDROGENASE'
2 non-polymer NICOTINAMIDE-ADENINE-DINUCLEOTIDE
3 water water
#
_entity_poly.entity_id   1
_entity_poly.type   'polypeptide(L)'
_entity_poly.pdbx_seq_one_letter_code
;TIKVGINGFGRIGRIVFRAAQKRSDIEIVAINDLLDADYMAYMLKYDSTHGRFDGTVEVKDGHLIVNGKKIRVTAERDPA
NLKWDEVGVDVVAEATGLFLTDETARKHITAGAKKVVMTGPSKDNTPMFVKGANFDKYAGQDIVSNASCTTNCLAPLAKV
INDNFGIIEGLMTTVHATTATQKTVDGPSHKDWRGGRGASQNIIPSSTGAAKAVGKVLPELNGKLTGMAFRVPTPNVSVV
DLTVRLEKAATYEQIKAAVKAAAEGEMKGVLGYTEDDVVSTDFNGEVCTSVFDAKAGIALNDNFVKLVSWYDNETGYSNK
VLDLIAHISK
;
_entity_poly.pdbx_strand_id   A,B
#
loop_
_chem_comp.id
_chem_comp.type
_chem_comp.name
_chem_comp.formula
NAD non-polymer NICOTINAMIDE-ADENINE-DINUCLEOTIDE 'C21 H27 N7 O14 P2'
#
# COMPACT_ATOMS: atom_id res chain seq x y z
N THR A 1 23.50 -22.91 1.61
CA THR A 1 22.90 -21.68 2.17
C THR A 1 22.68 -21.80 3.68
N ILE A 2 22.30 -20.69 4.29
CA ILE A 2 22.04 -20.62 5.73
C ILE A 2 20.60 -21.00 6.02
N LYS A 3 20.40 -22.08 6.76
CA LYS A 3 19.06 -22.52 7.12
C LYS A 3 18.58 -21.70 8.29
N VAL A 4 17.52 -20.94 8.08
CA VAL A 4 16.97 -20.09 9.13
C VAL A 4 15.63 -20.60 9.65
N GLY A 5 15.44 -20.49 10.96
CA GLY A 5 14.21 -20.91 11.58
C GLY A 5 13.60 -19.68 12.22
N ILE A 6 12.30 -19.47 12.05
CA ILE A 6 11.68 -18.30 12.64
C ILE A 6 10.79 -18.67 13.81
N ASN A 7 10.87 -17.86 14.87
CA ASN A 7 10.06 -18.05 16.06
C ASN A 7 9.29 -16.76 16.20
N GLY A 8 7.97 -16.83 15.95
CA GLY A 8 7.14 -15.65 16.04
C GLY A 8 6.83 -15.10 14.66
N PHE A 9 5.81 -15.68 14.03
CA PHE A 9 5.38 -15.28 12.70
C PHE A 9 4.57 -14.00 12.77
N GLY A 10 5.12 -12.98 13.44
CA GLY A 10 4.41 -11.71 13.55
C GLY A 10 4.77 -10.76 12.42
N ARG A 11 4.51 -9.46 12.61
CA ARG A 11 4.82 -8.48 11.59
C ARG A 11 6.27 -8.64 11.14
N ILE A 12 7.19 -8.69 12.09
CA ILE A 12 8.60 -8.84 11.74
C ILE A 12 8.87 -10.24 11.24
N GLY A 13 8.30 -11.24 11.90
CA GLY A 13 8.53 -12.61 11.47
C GLY A 13 8.06 -12.90 10.06
N ARG A 14 6.95 -12.28 9.69
CA ARG A 14 6.38 -12.45 8.35
C ARG A 14 7.15 -11.67 7.26
N ILE A 15 7.46 -10.41 7.54
CA ILE A 15 8.20 -9.56 6.60
C ILE A 15 9.63 -10.08 6.41
N VAL A 16 10.19 -10.65 7.47
CA VAL A 16 11.53 -11.21 7.40
C VAL A 16 11.46 -12.43 6.47
N PHE A 17 10.32 -13.12 6.50
CA PHE A 17 10.13 -14.29 5.64
C PHE A 17 9.97 -13.87 4.19
N ARG A 18 9.18 -12.83 3.97
CA ARG A 18 8.94 -12.31 2.63
C ARG A 18 10.23 -11.86 1.97
N ALA A 19 10.95 -10.98 2.66
CA ALA A 19 12.22 -10.47 2.16
C ALA A 19 13.27 -11.55 2.03
N ALA A 20 13.15 -12.60 2.86
CA ALA A 20 14.09 -13.70 2.82
C ALA A 20 13.98 -14.47 1.49
N GLN A 21 12.91 -14.23 0.75
CA GLN A 21 12.70 -14.92 -0.52
C GLN A 21 13.56 -14.34 -1.64
N LYS A 22 13.90 -13.07 -1.54
CA LYS A 22 14.73 -12.43 -2.54
C LYS A 22 16.21 -12.46 -2.15
N ARG A 23 16.64 -13.53 -1.48
CA ARG A 23 18.02 -13.68 -1.04
C ARG A 23 18.55 -15.04 -1.43
N SER A 24 19.77 -15.07 -1.94
CA SER A 24 20.36 -16.32 -2.37
C SER A 24 21.18 -17.02 -1.30
N ASP A 25 21.52 -16.29 -0.23
CA ASP A 25 22.35 -16.87 0.82
C ASP A 25 21.57 -17.54 1.95
N ILE A 26 20.36 -17.05 2.22
CA ILE A 26 19.54 -17.57 3.30
C ILE A 26 18.31 -18.31 2.79
N GLU A 27 17.77 -19.18 3.64
CA GLU A 27 16.57 -19.95 3.31
C GLU A 27 15.83 -20.35 4.57
N ILE A 28 14.53 -20.07 4.60
CA ILE A 28 13.67 -20.41 5.75
C ILE A 28 13.22 -21.88 5.66
N VAL A 29 13.55 -22.67 6.68
CA VAL A 29 13.19 -24.08 6.70
C VAL A 29 12.07 -24.42 7.69
N ALA A 30 11.89 -23.58 8.69
CA ALA A 30 10.88 -23.86 9.69
C ALA A 30 10.34 -22.59 10.31
N ILE A 31 9.10 -22.65 10.77
CA ILE A 31 8.45 -21.52 11.40
C ILE A 31 7.65 -22.00 12.62
N ASN A 32 7.70 -21.21 13.69
CA ASN A 32 6.99 -21.52 14.92
C ASN A 32 6.18 -20.32 15.39
N ASP A 33 5.00 -20.59 15.93
CA ASP A 33 4.07 -19.59 16.46
C ASP A 33 3.07 -20.43 17.25
N LEU A 34 1.84 -19.96 17.36
CA LEU A 34 0.82 -20.68 18.08
C LEU A 34 -0.41 -20.70 17.17
N LEU A 35 -0.25 -21.28 15.98
CA LEU A 35 -1.35 -21.35 15.03
C LEU A 35 -1.29 -22.56 14.13
N ASP A 36 -2.40 -22.80 13.43
CA ASP A 36 -2.51 -23.93 12.50
C ASP A 36 -1.87 -23.51 11.19
N ALA A 37 -1.28 -24.47 10.47
CA ALA A 37 -0.64 -24.21 9.20
C ALA A 37 -1.54 -23.54 8.16
N ASP A 38 -2.85 -23.60 8.39
CA ASP A 38 -3.80 -22.98 7.46
C ASP A 38 -4.01 -21.50 7.77
N TYR A 39 -3.92 -21.14 9.05
CA TYR A 39 -4.05 -19.74 9.46
C TYR A 39 -2.73 -19.04 9.14
N MET A 40 -1.62 -19.73 9.45
CA MET A 40 -0.28 -19.22 9.18
C MET A 40 -0.16 -18.89 7.70
N ALA A 41 -0.72 -19.76 6.86
CA ALA A 41 -0.70 -19.60 5.40
C ALA A 41 -1.53 -18.40 4.96
N TYR A 42 -2.66 -18.18 5.61
CA TYR A 42 -3.51 -17.04 5.29
C TYR A 42 -2.81 -15.73 5.69
N MET A 43 -2.03 -15.81 6.78
CA MET A 43 -1.30 -14.65 7.30
C MET A 43 -0.17 -14.25 6.35
N LEU A 44 0.47 -15.24 5.72
CA LEU A 44 1.55 -14.99 4.78
C LEU A 44 1.01 -14.47 3.44
N LYS A 45 -0.10 -15.05 3.00
CA LYS A 45 -0.74 -14.70 1.73
C LYS A 45 -1.22 -13.26 1.59
N TYR A 46 -1.99 -12.79 2.57
CA TYR A 46 -2.52 -11.43 2.52
C TYR A 46 -1.91 -10.48 3.55
N ASP A 47 -1.53 -9.28 3.09
CA ASP A 47 -0.95 -8.27 3.98
C ASP A 47 -1.59 -6.92 3.69
N SER A 48 -2.22 -6.33 4.69
CA SER A 48 -2.88 -5.04 4.51
C SER A 48 -1.87 -3.95 4.24
N THR A 49 -0.61 -4.20 4.60
CA THR A 49 0.42 -3.18 4.42
C THR A 49 1.33 -3.38 3.21
N HIS A 50 1.79 -4.60 2.98
CA HIS A 50 2.68 -4.87 1.86
C HIS A 50 2.04 -5.74 0.77
N GLY A 51 0.72 -5.77 0.72
CA GLY A 51 0.01 -6.54 -0.30
C GLY A 51 0.15 -8.04 -0.28
N ARG A 52 -0.46 -8.67 -1.29
CA ARG A 52 -0.48 -10.12 -1.42
C ARG A 52 0.91 -10.72 -1.61
N PHE A 53 1.14 -11.85 -0.96
CA PHE A 53 2.43 -12.54 -1.07
C PHE A 53 2.75 -12.73 -2.55
N ASP A 54 4.01 -12.49 -2.92
CA ASP A 54 4.42 -12.62 -4.31
C ASP A 54 4.90 -14.03 -4.66
N GLY A 55 3.97 -14.98 -4.63
CA GLY A 55 4.33 -16.35 -4.93
C GLY A 55 3.22 -17.28 -4.49
N THR A 56 3.51 -18.57 -4.46
CA THR A 56 2.52 -19.56 -4.05
C THR A 56 2.76 -20.14 -2.66
N VAL A 57 1.66 -20.40 -1.96
CA VAL A 57 1.73 -20.98 -0.63
C VAL A 57 0.54 -21.95 -0.52
N GLU A 58 0.85 -23.21 -0.19
CA GLU A 58 -0.15 -24.27 -0.05
C GLU A 58 0.01 -24.97 1.29
N VAL A 59 -1.09 -25.49 1.84
CA VAL A 59 -0.99 -26.21 3.10
C VAL A 59 -0.97 -27.69 2.77
N LYS A 60 -0.15 -28.45 3.47
CA LYS A 60 -0.08 -29.87 3.19
C LYS A 60 0.45 -30.63 4.38
N ASP A 61 -0.38 -31.51 4.91
CA ASP A 61 -0.02 -32.33 6.04
C ASP A 61 0.33 -31.55 7.29
N GLY A 62 -0.25 -30.36 7.43
CA GLY A 62 0.04 -29.56 8.61
C GLY A 62 1.23 -28.64 8.43
N HIS A 63 1.85 -28.70 7.26
CA HIS A 63 2.99 -27.84 6.96
C HIS A 63 2.66 -26.94 5.78
N LEU A 64 3.50 -25.94 5.59
CA LEU A 64 3.33 -25.00 4.49
C LEU A 64 4.16 -25.47 3.32
N ILE A 65 3.76 -25.04 2.13
CA ILE A 65 4.49 -25.33 0.91
C ILE A 65 4.50 -23.98 0.24
N VAL A 66 5.60 -23.25 0.41
CA VAL A 66 5.74 -21.91 -0.16
C VAL A 66 6.67 -21.96 -1.35
N ASN A 67 6.18 -21.52 -2.51
CA ASN A 67 6.97 -21.54 -3.71
C ASN A 67 7.45 -22.97 -3.97
N GLY A 68 6.59 -23.93 -3.62
CA GLY A 68 6.89 -25.33 -3.83
C GLY A 68 7.82 -25.97 -2.82
N LYS A 69 8.22 -25.21 -1.81
CA LYS A 69 9.14 -25.72 -0.80
C LYS A 69 8.42 -25.90 0.54
N LYS A 70 8.59 -27.08 1.13
CA LYS A 70 7.94 -27.39 2.40
C LYS A 70 8.57 -26.66 3.58
N ILE A 71 7.73 -25.97 4.35
CA ILE A 71 8.18 -25.25 5.53
C ILE A 71 7.56 -25.95 6.74
N ARG A 72 8.39 -26.51 7.60
CA ARG A 72 7.88 -27.17 8.79
C ARG A 72 7.19 -26.17 9.72
N VAL A 73 6.01 -26.53 10.19
CA VAL A 73 5.24 -25.67 11.08
C VAL A 73 5.07 -26.34 12.45
N THR A 74 5.14 -25.55 13.51
CA THR A 74 4.99 -26.02 14.89
C THR A 74 4.26 -24.93 15.65
N ALA A 75 3.71 -25.29 16.81
CA ALA A 75 3.00 -24.32 17.64
C ALA A 75 3.36 -24.49 19.11
N GLU A 76 4.65 -24.67 19.39
CA GLU A 76 5.17 -24.83 20.75
C GLU A 76 5.38 -23.50 21.46
N ARG A 77 4.81 -23.37 22.66
CA ARG A 77 4.94 -22.14 23.42
C ARG A 77 6.34 -21.98 24.03
N ASP A 78 7.00 -23.11 24.29
CA ASP A 78 8.33 -23.12 24.88
C ASP A 78 9.40 -23.39 23.81
N PRO A 79 10.35 -22.45 23.63
CA PRO A 79 11.42 -22.61 22.63
C PRO A 79 12.29 -23.85 22.77
N ALA A 80 12.51 -24.29 24.00
CA ALA A 80 13.34 -25.46 24.24
C ALA A 80 12.80 -26.74 23.58
N ASN A 81 11.51 -26.73 23.24
CA ASN A 81 10.85 -27.90 22.64
C ASN A 81 10.82 -27.90 21.10
N LEU A 82 11.51 -26.95 20.48
CA LEU A 82 11.48 -26.81 19.02
C LEU A 82 12.30 -27.73 18.13
N LYS A 83 13.17 -28.54 18.72
CA LYS A 83 14.00 -29.45 17.94
C LYS A 83 14.34 -28.91 16.54
N TRP A 84 14.91 -27.70 16.50
CA TRP A 84 15.28 -27.04 15.25
C TRP A 84 16.24 -27.86 14.39
N ASP A 85 17.09 -28.64 15.05
CA ASP A 85 18.09 -29.45 14.35
C ASP A 85 17.52 -30.57 13.49
N GLU A 86 16.26 -30.90 13.70
CA GLU A 86 15.64 -31.95 12.91
C GLU A 86 15.36 -31.41 11.52
N VAL A 87 15.39 -30.09 11.41
CA VAL A 87 15.12 -29.43 10.15
C VAL A 87 16.37 -28.67 9.68
N GLY A 88 17.49 -28.95 10.33
CA GLY A 88 18.76 -28.32 9.98
C GLY A 88 18.92 -26.82 10.18
N VAL A 89 18.31 -26.24 11.20
CA VAL A 89 18.45 -24.79 11.40
C VAL A 89 19.85 -24.35 11.83
N ASP A 90 20.34 -23.27 11.22
CA ASP A 90 21.65 -22.69 11.52
C ASP A 90 21.49 -21.55 12.52
N VAL A 91 20.66 -20.57 12.15
CA VAL A 91 20.40 -19.42 12.99
C VAL A 91 18.88 -19.27 13.18
N VAL A 92 18.48 -18.87 14.39
CA VAL A 92 17.07 -18.66 14.70
C VAL A 92 16.78 -17.18 14.82
N ALA A 93 15.65 -16.76 14.25
CA ALA A 93 15.25 -15.36 14.32
C ALA A 93 14.16 -15.24 15.39
N GLU A 94 14.52 -14.65 16.53
CA GLU A 94 13.61 -14.48 17.65
C GLU A 94 12.76 -13.25 17.42
N ALA A 95 11.53 -13.45 16.92
CA ALA A 95 10.64 -12.36 16.63
C ALA A 95 9.41 -12.31 17.53
N THR A 96 9.38 -13.11 18.60
CA THR A 96 8.23 -13.10 19.48
C THR A 96 8.19 -11.89 20.41
N GLY A 97 9.37 -11.42 20.80
CA GLY A 97 9.45 -10.28 21.70
C GLY A 97 9.38 -10.69 23.15
N LEU A 98 9.42 -12.00 23.40
CA LEU A 98 9.34 -12.53 24.75
C LEU A 98 10.66 -13.12 25.20
N PHE A 99 11.59 -13.26 24.28
CA PHE A 99 12.86 -13.86 24.64
C PHE A 99 14.08 -13.02 24.26
N LEU A 100 14.22 -11.88 24.94
CA LEU A 100 15.30 -10.95 24.71
C LEU A 100 16.44 -10.97 25.75
N THR A 101 16.62 -12.09 26.42
CA THR A 101 17.69 -12.22 27.41
C THR A 101 18.43 -13.46 26.97
N ASP A 102 19.65 -13.66 27.46
CA ASP A 102 20.41 -14.83 27.06
C ASP A 102 19.81 -16.16 27.52
N GLU A 103 19.30 -16.21 28.76
CA GLU A 103 18.72 -17.45 29.28
C GLU A 103 17.47 -17.85 28.50
N THR A 104 16.69 -16.87 28.07
CA THR A 104 15.48 -17.14 27.31
C THR A 104 15.82 -17.54 25.88
N ALA A 105 16.52 -16.66 25.17
CA ALA A 105 16.89 -16.93 23.78
C ALA A 105 17.81 -18.14 23.57
N ARG A 106 18.50 -18.60 24.61
CA ARG A 106 19.42 -19.73 24.48
C ARG A 106 18.70 -21.08 24.37
N LYS A 107 17.43 -21.11 24.75
CA LYS A 107 16.62 -22.32 24.67
C LYS A 107 16.61 -22.80 23.21
N HIS A 108 16.84 -21.84 22.29
CA HIS A 108 16.88 -22.10 20.86
C HIS A 108 18.11 -22.89 20.48
N ILE A 109 19.21 -22.63 21.17
CA ILE A 109 20.45 -23.33 20.87
C ILE A 109 20.44 -24.70 21.53
N THR A 110 19.87 -24.76 22.73
CA THR A 110 19.77 -26.04 23.43
C THR A 110 18.69 -26.89 22.74
N ALA A 111 17.95 -26.26 21.84
CA ALA A 111 16.91 -26.95 21.08
C ALA A 111 17.54 -27.48 19.78
N GLY A 112 18.80 -27.14 19.56
CA GLY A 112 19.48 -27.64 18.38
C GLY A 112 20.00 -26.64 17.38
N ALA A 113 19.69 -25.35 17.55
CA ALA A 113 20.15 -24.34 16.61
C ALA A 113 21.61 -24.01 16.95
N LYS A 114 22.25 -23.18 16.13
CA LYS A 114 23.64 -22.81 16.36
C LYS A 114 23.73 -21.42 16.97
N LYS A 115 23.07 -20.46 16.34
CA LYS A 115 23.09 -19.10 16.83
C LYS A 115 21.69 -18.53 16.80
N VAL A 116 21.53 -17.36 17.41
CA VAL A 116 20.23 -16.70 17.49
C VAL A 116 20.39 -15.20 17.30
N VAL A 117 19.41 -14.57 16.67
CA VAL A 117 19.42 -13.12 16.44
C VAL A 117 18.07 -12.61 16.96
N MET A 118 18.10 -11.78 17.99
CA MET A 118 16.88 -11.22 18.54
C MET A 118 16.46 -10.05 17.67
N THR A 119 15.18 -10.00 17.28
CA THR A 119 14.67 -8.93 16.43
C THR A 119 14.19 -7.76 17.28
N GLY A 120 14.91 -7.51 18.36
CA GLY A 120 14.58 -6.42 19.25
C GLY A 120 15.79 -6.20 20.13
N PRO A 121 15.86 -5.08 20.85
CA PRO A 121 17.05 -4.87 21.71
C PRO A 121 17.08 -5.83 22.91
N SER A 122 18.25 -6.41 23.17
CA SER A 122 18.40 -7.35 24.30
C SER A 122 18.04 -6.68 25.61
N LYS A 123 17.66 -7.46 26.61
CA LYS A 123 17.29 -6.92 27.91
C LYS A 123 18.40 -7.15 28.93
N ASP A 124 19.47 -7.82 28.51
CA ASP A 124 20.61 -8.08 29.38
C ASP A 124 21.87 -7.56 28.70
N ASN A 125 22.99 -8.26 28.83
CA ASN A 125 24.23 -7.79 28.22
C ASN A 125 24.49 -8.33 26.80
N THR A 126 23.55 -9.10 26.26
CA THR A 126 23.70 -9.65 24.91
C THR A 126 24.06 -8.48 23.99
N PRO A 127 25.12 -8.62 23.17
CA PRO A 127 25.53 -7.55 22.26
C PRO A 127 24.56 -7.22 21.16
N MET A 128 24.46 -5.92 20.84
CA MET A 128 23.59 -5.43 19.80
C MET A 128 24.50 -5.07 18.60
N PHE A 129 24.02 -5.31 17.39
CA PHE A 129 24.81 -5.00 16.18
C PHE A 129 23.96 -4.25 15.16
N VAL A 130 24.53 -3.17 14.61
CA VAL A 130 23.82 -2.38 13.62
C VAL A 130 24.64 -2.22 12.35
N LYS A 131 23.99 -2.51 11.23
CA LYS A 131 24.58 -2.40 9.91
C LYS A 131 25.02 -0.94 9.71
N GLY A 132 26.30 -0.75 9.37
CA GLY A 132 26.80 0.60 9.17
C GLY A 132 27.21 1.26 10.47
N ALA A 133 27.22 0.47 11.55
CA ALA A 133 27.60 0.98 12.86
C ALA A 133 28.71 0.14 13.47
N ASN A 134 28.42 -1.11 13.78
CA ASN A 134 29.42 -1.97 14.40
C ASN A 134 29.31 -3.42 14.00
N PHE A 135 28.93 -3.68 12.76
CA PHE A 135 28.81 -5.07 12.31
C PHE A 135 30.23 -5.62 12.33
N ASP A 136 31.18 -4.71 12.14
CA ASP A 136 32.60 -5.04 12.12
C ASP A 136 33.15 -5.52 13.46
N LYS A 137 32.37 -5.35 14.52
CA LYS A 137 32.80 -5.75 15.86
C LYS A 137 32.31 -7.12 16.29
N TYR A 138 31.50 -7.76 15.46
CA TYR A 138 31.00 -9.08 15.81
C TYR A 138 32.17 -10.00 16.11
N ALA A 139 32.16 -10.61 17.28
CA ALA A 139 33.25 -11.49 17.68
C ALA A 139 32.83 -12.94 17.84
N GLY A 140 32.02 -13.45 16.92
CA GLY A 140 31.60 -14.84 16.99
C GLY A 140 30.62 -15.25 18.08
N GLN A 141 30.06 -14.30 18.81
CA GLN A 141 29.09 -14.62 19.86
C GLN A 141 27.93 -15.41 19.24
N ASP A 142 27.42 -16.41 19.95
CA ASP A 142 26.32 -17.25 19.46
C ASP A 142 24.89 -16.72 19.63
N ILE A 143 24.73 -15.65 20.41
CA ILE A 143 23.44 -15.01 20.61
C ILE A 143 23.68 -13.51 20.48
N VAL A 144 22.99 -12.88 19.53
CA VAL A 144 23.12 -11.45 19.28
C VAL A 144 21.76 -10.79 19.02
N SER A 145 21.73 -9.48 19.14
CA SER A 145 20.53 -8.72 18.89
C SER A 145 20.80 -7.74 17.76
N ASN A 146 19.73 -7.31 17.07
CA ASN A 146 19.85 -6.36 15.95
C ASN A 146 19.35 -5.00 16.39
N ALA A 147 19.36 -4.76 17.70
CA ALA A 147 18.93 -3.50 18.27
C ALA A 147 17.47 -3.26 17.91
N SER A 148 17.03 -2.01 17.96
CA SER A 148 15.65 -1.66 17.62
C SER A 148 15.58 -1.08 16.21
N CYS A 149 14.37 -0.73 15.79
CA CYS A 149 14.15 -0.13 14.47
C CYS A 149 14.61 1.34 14.49
N THR A 150 14.28 2.04 15.57
CA THR A 150 14.67 3.45 15.72
C THR A 150 16.17 3.64 15.81
N THR A 151 16.87 2.66 16.37
CA THR A 151 18.32 2.72 16.51
C THR A 151 18.97 2.50 15.16
N ASN A 152 18.41 1.58 14.38
CA ASN A 152 18.94 1.29 13.05
C ASN A 152 18.84 2.52 12.15
N CYS A 153 17.95 3.43 12.51
CA CYS A 153 17.76 4.65 11.74
C CYS A 153 18.67 5.78 12.29
N LEU A 154 18.74 5.91 13.62
CA LEU A 154 19.54 6.97 14.25
C LEU A 154 21.05 6.74 14.27
N ALA A 155 21.47 5.49 14.41
CA ALA A 155 22.89 5.19 14.46
C ALA A 155 23.65 5.56 13.18
N PRO A 156 23.22 5.05 12.01
CA PRO A 156 23.93 5.40 10.78
C PRO A 156 24.07 6.91 10.53
N LEU A 157 23.07 7.67 10.94
CA LEU A 157 23.10 9.10 10.74
C LEU A 157 24.04 9.81 11.72
N ALA A 158 23.83 9.56 13.01
CA ALA A 158 24.64 10.16 14.05
C ALA A 158 26.11 9.91 13.76
N LYS A 159 26.39 8.70 13.28
CA LYS A 159 27.76 8.32 12.95
C LYS A 159 28.38 9.24 11.90
N VAL A 160 27.62 9.60 10.87
CA VAL A 160 28.11 10.45 9.80
C VAL A 160 28.27 11.90 10.25
N ILE A 161 27.35 12.34 11.09
CA ILE A 161 27.38 13.70 11.61
C ILE A 161 28.50 13.84 12.64
N ASN A 162 28.79 12.75 13.35
CA ASN A 162 29.84 12.76 14.34
C ASN A 162 31.22 12.71 13.67
N ASP A 163 31.35 11.87 12.65
CA ASP A 163 32.60 11.71 11.94
C ASP A 163 33.04 12.94 11.14
N ASN A 164 32.14 13.89 10.94
CA ASN A 164 32.44 15.09 10.15
C ASN A 164 32.44 16.38 10.96
N PHE A 165 31.53 16.48 11.92
CA PHE A 165 31.42 17.70 12.69
C PHE A 165 31.47 17.50 14.19
N GLY A 166 31.52 16.24 14.62
CA GLY A 166 31.56 15.94 16.05
C GLY A 166 30.32 16.39 16.80
N ILE A 167 29.54 15.44 17.29
CA ILE A 167 28.32 15.78 18.02
C ILE A 167 28.62 16.05 19.50
N ILE A 168 28.30 17.26 19.95
CA ILE A 168 28.53 17.63 21.34
C ILE A 168 27.48 16.86 22.13
N GLU A 169 26.21 17.17 21.86
CA GLU A 169 25.08 16.51 22.49
C GLU A 169 23.92 16.45 21.51
N GLY A 170 23.03 15.49 21.72
CA GLY A 170 21.87 15.36 20.86
C GLY A 170 20.63 14.89 21.59
N LEU A 171 19.47 15.39 21.15
CA LEU A 171 18.18 15.01 21.73
C LEU A 171 17.26 14.58 20.58
N MET A 172 16.91 13.29 20.56
CA MET A 172 16.06 12.70 19.51
C MET A 172 14.59 12.50 19.86
N THR A 173 13.76 12.60 18.82
CA THR A 173 12.31 12.42 18.91
C THR A 173 11.90 11.69 17.64
N THR A 174 11.29 10.50 17.79
CA THR A 174 10.83 9.75 16.63
C THR A 174 9.30 9.75 16.59
N VAL A 175 8.71 10.08 15.44
CA VAL A 175 7.26 10.04 15.30
C VAL A 175 7.06 8.66 14.68
N HIS A 176 6.62 7.72 15.52
CA HIS A 176 6.43 6.32 15.15
C HIS A 176 5.01 5.93 14.77
N ALA A 177 4.91 4.97 13.85
CA ALA A 177 3.63 4.44 13.42
C ALA A 177 3.14 3.44 14.46
N THR A 178 1.86 3.09 14.38
CA THR A 178 1.28 2.13 15.31
C THR A 178 1.90 0.74 15.11
N THR A 179 1.99 -0.03 16.20
CA THR A 179 2.51 -1.39 16.11
C THR A 179 1.59 -2.37 16.87
N ALA A 180 1.90 -3.66 16.77
CA ALA A 180 1.06 -4.66 17.39
C ALA A 180 0.82 -4.49 18.90
N THR A 181 1.61 -3.66 19.57
CA THR A 181 1.44 -3.50 21.02
C THR A 181 0.37 -2.50 21.44
N GLN A 182 -0.18 -1.76 20.49
CA GLN A 182 -1.20 -0.80 20.87
C GLN A 182 -2.62 -1.36 20.81
N LYS A 183 -3.59 -0.57 21.27
CA LYS A 183 -4.98 -0.99 21.31
C LYS A 183 -5.88 -0.26 20.31
N THR A 184 -6.90 -0.96 19.79
CA THR A 184 -7.84 -0.33 18.85
C THR A 184 -8.68 0.74 19.55
N VAL A 185 -9.03 0.49 20.81
CA VAL A 185 -9.80 1.45 21.61
C VAL A 185 -9.21 1.40 23.02
N ASP A 186 -9.42 2.46 23.80
CA ASP A 186 -8.89 2.52 25.17
C ASP A 186 -9.04 1.21 25.93
N GLY A 187 -7.93 0.51 26.13
CA GLY A 187 -7.92 -0.75 26.84
C GLY A 187 -6.72 -0.89 27.75
N PRO A 188 -6.59 -2.02 28.46
CA PRO A 188 -5.49 -2.30 29.39
C PRO A 188 -4.09 -2.46 28.78
N SER A 189 -3.13 -1.77 29.41
CA SER A 189 -1.71 -1.76 29.05
C SER A 189 -1.09 -1.32 30.39
N HIS A 190 -1.07 -2.23 31.35
CA HIS A 190 -0.57 -1.90 32.68
C HIS A 190 0.93 -1.59 32.81
N LYS A 191 1.71 -1.89 31.78
CA LYS A 191 3.14 -1.61 31.78
C LYS A 191 3.38 -0.22 31.15
N ASP A 192 2.35 0.32 30.50
CA ASP A 192 2.43 1.61 29.84
C ASP A 192 1.03 2.13 29.52
N TRP A 193 0.47 2.87 30.48
CA TRP A 193 -0.86 3.44 30.37
C TRP A 193 -1.16 4.20 29.08
N ARG A 194 -0.22 5.03 28.66
CA ARG A 194 -0.44 5.80 27.44
C ARG A 194 -0.56 4.89 26.22
N GLY A 195 0.21 3.80 26.22
CA GLY A 195 0.17 2.88 25.09
C GLY A 195 -1.08 2.03 24.92
N GLY A 196 -2.01 2.14 25.86
CA GLY A 196 -3.23 1.35 25.76
C GLY A 196 -4.40 2.16 25.23
N ARG A 197 -4.22 3.48 25.18
CA ARG A 197 -5.27 4.36 24.69
C ARG A 197 -5.42 4.23 23.18
N GLY A 198 -6.64 4.40 22.69
CA GLY A 198 -6.94 4.26 21.28
C GLY A 198 -5.87 4.76 20.34
N ALA A 199 -5.20 3.83 19.65
CA ALA A 199 -4.13 4.19 18.74
C ALA A 199 -4.55 5.18 17.66
N SER A 200 -5.54 4.79 16.85
CA SER A 200 -6.01 5.63 15.75
C SER A 200 -6.63 6.96 16.17
N GLN A 201 -6.96 7.11 17.45
CA GLN A 201 -7.58 8.36 17.93
C GLN A 201 -6.59 9.39 18.47
N ASN A 202 -5.37 8.97 18.84
CA ASN A 202 -4.41 9.90 19.45
C ASN A 202 -2.98 9.94 18.94
N ILE A 203 -2.30 10.96 19.46
CA ILE A 203 -0.85 11.15 19.28
C ILE A 203 -0.47 10.69 20.71
N ILE A 204 0.23 9.57 20.81
CA ILE A 204 0.59 9.03 22.12
C ILE A 204 2.07 9.13 22.50
N PRO A 205 2.41 10.04 23.44
CA PRO A 205 3.82 10.13 23.81
C PRO A 205 4.28 8.76 24.30
N SER A 206 5.48 8.35 23.91
CA SER A 206 6.00 7.05 24.33
C SER A 206 7.49 7.11 24.63
N SER A 207 7.99 6.12 25.36
CA SER A 207 9.40 6.05 25.73
C SER A 207 10.22 5.19 24.81
N THR A 208 11.50 5.50 24.72
CA THR A 208 12.43 4.74 23.91
C THR A 208 13.86 4.97 24.38
N GLY A 209 14.66 3.92 24.36
CA GLY A 209 16.04 4.01 24.78
C GLY A 209 16.89 3.85 23.55
N ALA A 210 16.28 4.12 22.39
CA ALA A 210 16.98 4.00 21.12
C ALA A 210 18.10 5.03 20.98
N ALA A 211 17.92 6.20 21.56
CA ALA A 211 18.95 7.24 21.50
C ALA A 211 20.13 6.79 22.38
N LYS A 212 19.83 6.35 23.61
CA LYS A 212 20.84 5.87 24.53
C LYS A 212 21.60 4.69 23.92
N ALA A 213 20.88 3.82 23.21
CA ALA A 213 21.48 2.64 22.60
C ALA A 213 22.47 2.96 21.51
N VAL A 214 22.44 4.19 20.99
CA VAL A 214 23.37 4.57 19.93
C VAL A 214 24.79 4.67 20.53
N GLY A 215 24.87 5.07 21.80
CA GLY A 215 26.14 5.17 22.48
C GLY A 215 26.75 3.80 22.76
N LYS A 216 25.92 2.76 22.73
CA LYS A 216 26.38 1.40 22.98
C LYS A 216 26.85 0.70 21.70
N VAL A 217 26.35 1.15 20.56
CA VAL A 217 26.73 0.59 19.27
C VAL A 217 27.88 1.45 18.69
N LEU A 218 27.85 2.74 19.02
CA LEU A 218 28.87 3.71 18.63
C LEU A 218 29.30 4.26 20.00
N PRO A 219 30.31 3.65 20.62
CA PRO A 219 30.79 4.09 21.94
C PRO A 219 31.26 5.54 21.99
N GLU A 220 31.85 6.01 20.91
CA GLU A 220 32.31 7.38 20.83
C GLU A 220 31.18 8.33 21.23
N LEU A 221 29.95 7.94 20.90
CA LEU A 221 28.77 8.74 21.19
C LEU A 221 28.12 8.42 22.55
N ASN A 222 28.70 7.47 23.27
CA ASN A 222 28.19 7.06 24.57
C ASN A 222 27.78 8.23 25.46
N GLY A 223 26.56 8.19 25.96
CA GLY A 223 26.10 9.25 26.84
C GLY A 223 25.79 10.61 26.22
N LYS A 224 26.04 10.80 24.94
CA LYS A 224 25.77 12.10 24.33
C LYS A 224 24.35 12.28 23.77
N LEU A 225 23.60 11.18 23.66
CA LEU A 225 22.24 11.25 23.12
C LEU A 225 21.16 10.57 23.96
N THR A 226 19.94 11.10 23.87
CA THR A 226 18.78 10.53 24.55
C THR A 226 17.54 11.06 23.81
N GLY A 227 16.38 10.46 24.04
CA GLY A 227 15.19 10.94 23.37
C GLY A 227 13.88 10.29 23.79
N MET A 228 12.82 10.60 23.05
CA MET A 228 11.50 10.05 23.30
C MET A 228 10.77 9.77 21.98
N ALA A 229 9.48 9.47 22.08
CA ALA A 229 8.66 9.16 20.91
C ALA A 229 7.22 9.61 21.02
N PHE A 230 6.56 9.60 19.87
CA PHE A 230 5.17 9.96 19.73
C PHE A 230 4.59 8.89 18.81
N ARG A 231 3.61 8.13 19.30
CA ARG A 231 2.98 7.10 18.49
C ARG A 231 1.82 7.79 17.80
N VAL A 232 1.79 7.69 16.47
CA VAL A 232 0.73 8.34 15.69
C VAL A 232 0.01 7.32 14.81
N PRO A 233 -1.22 7.67 14.38
CA PRO A 233 -2.10 6.85 13.53
C PRO A 233 -1.74 6.58 12.06
N THR A 234 -0.73 5.76 11.85
CA THR A 234 -0.33 5.34 10.51
C THR A 234 0.09 3.90 10.78
N PRO A 235 -0.19 3.01 9.83
CA PRO A 235 0.13 1.60 9.99
C PRO A 235 1.60 1.20 9.86
N ASN A 236 2.41 2.08 9.24
CA ASN A 236 3.81 1.78 9.06
C ASN A 236 4.63 2.98 8.64
N VAL A 237 5.94 2.80 8.75
CA VAL A 237 7.00 3.75 8.49
C VAL A 237 7.01 4.97 9.42
N SER A 238 8.13 5.16 10.12
CA SER A 238 8.30 6.26 11.05
C SER A 238 9.43 7.19 10.60
N VAL A 239 9.72 8.22 11.40
CA VAL A 239 10.78 9.17 11.08
C VAL A 239 11.42 9.75 12.37
N VAL A 240 12.74 9.87 12.40
CA VAL A 240 13.43 10.44 13.57
C VAL A 240 13.75 11.93 13.36
N ASP A 241 13.58 12.68 14.45
CA ASP A 241 13.81 14.11 14.48
C ASP A 241 14.94 14.36 15.49
N LEU A 242 16.17 14.40 14.99
CA LEU A 242 17.37 14.59 15.82
C LEU A 242 17.87 16.03 15.89
N THR A 243 17.90 16.58 17.10
CA THR A 243 18.41 17.94 17.29
C THR A 243 19.79 17.83 17.96
N VAL A 244 20.85 18.26 17.27
CA VAL A 244 22.20 18.17 17.82
C VAL A 244 23.01 19.46 17.79
N ARG A 245 24.02 19.53 18.65
CA ARG A 245 24.94 20.66 18.75
C ARG A 245 26.23 20.10 18.21
N LEU A 246 26.86 20.79 17.27
CA LEU A 246 28.09 20.28 16.69
C LEU A 246 29.36 21.00 17.14
N GLU A 247 30.48 20.27 17.13
CA GLU A 247 31.78 20.82 17.51
C GLU A 247 32.31 21.73 16.39
N LYS A 248 32.52 21.14 15.21
CA LYS A 248 33.03 21.89 14.08
C LYS A 248 31.88 22.46 13.27
N ALA A 249 31.67 23.78 13.38
CA ALA A 249 30.61 24.46 12.64
C ALA A 249 30.51 23.94 11.21
N ALA A 250 29.33 24.07 10.61
CA ALA A 250 29.09 23.61 9.24
C ALA A 250 27.75 24.11 8.72
N THR A 251 27.68 24.49 7.45
CA THR A 251 26.41 24.96 6.90
C THR A 251 25.55 23.76 6.53
N TYR A 252 24.25 23.98 6.37
CA TYR A 252 23.35 22.91 6.00
C TYR A 252 23.81 22.32 4.69
N GLU A 253 24.19 23.19 3.75
CA GLU A 253 24.65 22.73 2.46
C GLU A 253 25.81 21.79 2.69
N GLN A 254 26.52 22.01 3.79
CA GLN A 254 27.68 21.20 4.12
C GLN A 254 27.29 19.91 4.81
N ILE A 255 26.26 19.97 5.64
CA ILE A 255 25.80 18.77 6.32
C ILE A 255 25.23 17.87 5.22
N LYS A 256 24.49 18.47 4.31
CA LYS A 256 23.89 17.74 3.19
C LYS A 256 24.94 16.97 2.42
N ALA A 257 26.01 17.66 2.04
CA ALA A 257 27.09 17.05 1.28
C ALA A 257 27.71 15.87 2.02
N ALA A 258 27.77 15.95 3.35
CA ALA A 258 28.34 14.87 4.13
C ALA A 258 27.48 13.62 4.03
N VAL A 259 26.19 13.76 4.32
CA VAL A 259 25.27 12.62 4.28
C VAL A 259 25.23 11.97 2.89
N LYS A 260 24.96 12.78 1.88
CA LYS A 260 24.89 12.27 0.52
C LYS A 260 26.12 11.47 0.13
N ALA A 261 27.29 11.92 0.61
CA ALA A 261 28.54 11.25 0.30
C ALA A 261 28.63 9.89 0.94
N ALA A 262 28.21 9.80 2.20
CA ALA A 262 28.24 8.52 2.91
C ALA A 262 27.20 7.60 2.28
N ALA A 263 26.03 8.16 2.01
CA ALA A 263 24.93 7.44 1.38
C ALA A 263 25.40 6.83 0.06
N GLU A 264 26.30 7.53 -0.62
CA GLU A 264 26.83 7.07 -1.91
C GLU A 264 28.01 6.12 -1.77
N GLY A 265 28.64 6.10 -0.61
CA GLY A 265 29.79 5.24 -0.45
C GLY A 265 29.78 4.18 0.63
N GLU A 266 30.34 4.51 1.79
CA GLU A 266 30.42 3.55 2.88
C GLU A 266 29.05 3.12 3.40
N MET A 267 28.13 4.07 3.50
CA MET A 267 26.81 3.77 4.01
C MET A 267 25.78 3.41 2.93
N LYS A 268 26.26 2.93 1.78
CA LYS A 268 25.38 2.55 0.69
C LYS A 268 24.57 1.29 1.03
N GLY A 269 23.24 1.40 0.94
CA GLY A 269 22.40 0.25 1.26
C GLY A 269 21.89 0.29 2.68
N VAL A 270 22.36 1.28 3.44
CA VAL A 270 21.97 1.46 4.84
C VAL A 270 21.43 2.87 5.03
N LEU A 271 22.24 3.85 4.61
CA LEU A 271 21.87 5.26 4.72
C LEU A 271 21.53 5.79 3.33
N GLY A 272 20.38 6.44 3.20
CA GLY A 272 19.98 6.98 1.91
C GLY A 272 19.84 8.49 1.94
N TYR A 273 19.78 9.11 0.77
CA TYR A 273 19.69 10.55 0.70
C TYR A 273 18.66 11.02 -0.32
N THR A 274 17.83 11.99 0.07
CA THR A 274 16.82 12.50 -0.85
C THR A 274 16.57 13.99 -0.69
N GLU A 275 16.26 14.64 -1.81
CA GLU A 275 15.94 16.06 -1.80
C GLU A 275 14.50 16.28 -2.30
N ASP A 276 13.71 15.21 -2.33
CA ASP A 276 12.32 15.33 -2.80
C ASP A 276 11.34 15.67 -1.71
N ASP A 277 10.13 16.08 -2.10
CA ASP A 277 9.07 16.45 -1.16
C ASP A 277 8.27 15.24 -0.67
N VAL A 278 9.00 14.21 -0.24
CA VAL A 278 8.44 12.96 0.26
C VAL A 278 7.58 13.00 1.54
N VAL A 279 6.75 11.97 1.72
CA VAL A 279 5.87 11.82 2.89
C VAL A 279 6.03 10.36 3.33
N SER A 280 5.52 9.99 4.51
CA SER A 280 5.72 8.60 4.97
C SER A 280 5.44 7.47 3.98
N THR A 281 4.33 7.50 3.26
CA THR A 281 4.02 6.40 2.32
C THR A 281 5.07 6.16 1.26
N ASP A 282 5.85 7.20 0.92
CA ASP A 282 6.90 7.04 -0.09
C ASP A 282 8.01 6.13 0.41
N PHE A 283 7.85 5.61 1.63
CA PHE A 283 8.88 4.74 2.17
C PHE A 283 8.38 3.37 2.60
N ASN A 284 7.09 3.13 2.36
CA ASN A 284 6.47 1.85 2.69
C ASN A 284 7.13 0.82 1.78
N GLY A 285 7.94 -0.06 2.37
CA GLY A 285 8.64 -1.07 1.61
C GLY A 285 10.13 -0.73 1.42
N GLU A 286 10.56 0.42 1.97
CA GLU A 286 11.95 0.86 1.84
C GLU A 286 12.94 -0.06 2.57
N VAL A 287 14.03 -0.41 1.88
CA VAL A 287 15.03 -1.29 2.46
C VAL A 287 16.15 -0.57 3.22
N CYS A 288 16.43 0.68 2.84
CA CYS A 288 17.45 1.48 3.52
C CYS A 288 16.90 1.81 4.92
N THR A 289 17.64 1.48 5.97
CA THR A 289 17.15 1.75 7.33
C THR A 289 17.14 3.21 7.74
N SER A 290 17.77 4.08 6.96
CA SER A 290 17.78 5.52 7.26
C SER A 290 17.83 6.36 6.00
N VAL A 291 16.76 7.10 5.72
CA VAL A 291 16.78 7.93 4.52
C VAL A 291 16.70 9.39 4.94
N PHE A 292 17.82 10.09 4.75
CA PHE A 292 17.95 11.49 5.08
C PHE A 292 17.04 12.35 4.18
N ASP A 293 16.28 13.25 4.79
CA ASP A 293 15.37 14.14 4.06
C ASP A 293 16.00 15.52 4.10
N ALA A 294 16.79 15.83 3.07
CA ALA A 294 17.50 17.10 2.99
C ALA A 294 16.56 18.27 3.15
N LYS A 295 15.46 18.24 2.40
CA LYS A 295 14.50 19.34 2.42
C LYS A 295 13.71 19.56 3.71
N ALA A 296 13.59 18.54 4.56
CA ALA A 296 12.83 18.69 5.81
C ALA A 296 13.63 19.21 7.02
N GLY A 297 14.92 18.90 7.04
CA GLY A 297 15.77 19.34 8.13
C GLY A 297 15.93 20.85 8.22
N ILE A 298 16.41 21.34 9.36
CA ILE A 298 16.59 22.77 9.54
C ILE A 298 17.67 23.12 10.59
N ALA A 299 18.35 24.25 10.40
CA ALA A 299 19.38 24.65 11.33
C ALA A 299 19.15 26.04 11.90
N LEU A 300 19.49 26.25 13.16
CA LEU A 300 19.34 27.55 13.79
C LEU A 300 20.59 28.38 13.45
N ASN A 301 21.73 27.68 13.34
CA ASN A 301 23.01 28.28 13.01
C ASN A 301 23.99 27.14 12.72
N ASP A 302 25.20 27.48 12.31
CA ASP A 302 26.21 26.47 11.97
C ASP A 302 26.64 25.47 13.06
N ASN A 303 25.97 25.47 14.20
CA ASN A 303 26.32 24.53 15.27
C ASN A 303 25.11 23.94 16.00
N PHE A 304 23.92 24.41 15.60
CA PHE A 304 22.66 23.92 16.15
C PHE A 304 21.75 23.56 14.99
N VAL A 305 21.49 22.27 14.81
CA VAL A 305 20.65 21.80 13.72
C VAL A 305 19.68 20.63 14.06
N LYS A 306 18.61 20.54 13.27
CA LYS A 306 17.60 19.50 13.42
C LYS A 306 17.53 18.71 12.12
N LEU A 307 17.95 17.45 12.18
CA LEU A 307 17.96 16.57 11.01
C LEU A 307 16.82 15.56 11.05
N VAL A 308 16.28 15.22 9.87
CA VAL A 308 15.19 14.25 9.81
C VAL A 308 15.53 13.12 8.83
N SER A 309 15.24 11.89 9.23
CA SER A 309 15.50 10.70 8.43
C SER A 309 14.33 9.71 8.58
N TRP A 310 14.03 9.02 7.49
CA TRP A 310 12.93 8.06 7.46
C TRP A 310 13.38 6.62 7.57
N TYR A 311 12.48 5.78 8.09
CA TYR A 311 12.73 4.35 8.20
C TYR A 311 11.39 3.61 8.22
N ASP A 312 11.33 2.55 7.42
CA ASP A 312 10.15 1.69 7.35
C ASP A 312 10.46 0.68 8.43
N ASN A 313 9.98 0.95 9.64
CA ASN A 313 10.23 0.08 10.79
C ASN A 313 10.01 -1.41 10.50
N GLU A 314 9.29 -1.72 9.43
CA GLU A 314 9.02 -3.11 9.10
C GLU A 314 9.99 -3.71 8.09
N THR A 315 10.13 -3.10 6.93
CA THR A 315 11.02 -3.63 5.90
C THR A 315 12.51 -3.37 6.15
N GLY A 316 12.86 -2.15 6.52
CA GLY A 316 14.24 -1.83 6.77
C GLY A 316 14.84 -2.78 7.78
N TYR A 317 14.32 -2.75 9.00
CA TYR A 317 14.79 -3.62 10.08
C TYR A 317 14.78 -5.09 9.70
N SER A 318 13.70 -5.55 9.09
CA SER A 318 13.58 -6.95 8.70
C SER A 318 14.69 -7.35 7.74
N ASN A 319 15.08 -6.45 6.85
CA ASN A 319 16.14 -6.77 5.91
C ASN A 319 17.50 -6.79 6.60
N LYS A 320 17.69 -5.88 7.56
CA LYS A 320 18.96 -5.83 8.28
C LYS A 320 19.10 -7.07 9.16
N VAL A 321 18.02 -7.47 9.83
CA VAL A 321 18.08 -8.69 10.65
C VAL A 321 18.67 -9.84 9.81
N LEU A 322 18.23 -9.94 8.56
CA LEU A 322 18.70 -10.98 7.65
C LEU A 322 20.18 -10.76 7.32
N ASP A 323 20.60 -9.50 7.27
CA ASP A 323 21.99 -9.18 6.98
C ASP A 323 22.84 -9.67 8.14
N LEU A 324 22.37 -9.42 9.36
CA LEU A 324 23.07 -9.86 10.56
C LEU A 324 23.20 -11.37 10.60
N ILE A 325 22.19 -12.07 10.10
CA ILE A 325 22.24 -13.53 10.09
C ILE A 325 23.33 -13.99 9.14
N ALA A 326 23.39 -13.36 7.97
CA ALA A 326 24.39 -13.69 6.96
C ALA A 326 25.79 -13.35 7.48
N HIS A 327 25.88 -12.24 8.20
CA HIS A 327 27.15 -11.78 8.77
C HIS A 327 27.71 -12.76 9.82
N ILE A 328 26.90 -13.10 10.81
CA ILE A 328 27.37 -14.01 11.86
C ILE A 328 27.55 -15.47 11.47
N SER A 329 27.38 -15.82 10.19
CA SER A 329 27.51 -17.23 9.76
C SER A 329 28.75 -17.56 8.93
N LYS A 330 29.54 -18.53 9.40
CA LYS A 330 30.76 -18.99 8.74
C LYS A 330 31.90 -17.98 8.85
N THR B 1 -1.61 1.65 -32.99
CA THR B 1 -1.34 2.22 -31.64
C THR B 1 -2.20 3.46 -31.40
N ILE B 2 -3.11 3.39 -30.43
CA ILE B 2 -4.00 4.50 -30.12
C ILE B 2 -3.32 5.56 -29.24
N LYS B 3 -3.34 6.81 -29.71
CA LYS B 3 -2.74 7.93 -29.00
C LYS B 3 -3.85 8.58 -28.22
N VAL B 4 -3.65 8.74 -26.91
CA VAL B 4 -4.69 9.34 -26.10
C VAL B 4 -4.19 10.51 -25.27
N GLY B 5 -5.08 11.47 -25.02
CA GLY B 5 -4.74 12.61 -24.21
C GLY B 5 -5.60 12.51 -22.97
N ILE B 6 -5.11 13.02 -21.85
CA ILE B 6 -5.86 12.99 -20.61
C ILE B 6 -6.20 14.41 -20.13
N ASN B 7 -7.46 14.65 -19.83
CA ASN B 7 -7.84 15.95 -19.32
C ASN B 7 -8.19 15.75 -17.85
N GLY B 8 -7.34 16.30 -16.98
CA GLY B 8 -7.54 16.12 -15.56
C GLY B 8 -6.59 15.04 -15.08
N PHE B 9 -5.45 15.45 -14.56
CA PHE B 9 -4.45 14.52 -14.07
C PHE B 9 -4.72 14.26 -12.57
N GLY B 10 -5.86 13.65 -12.29
CA GLY B 10 -6.23 13.37 -10.90
C GLY B 10 -6.05 11.92 -10.51
N ARG B 11 -6.81 11.47 -9.51
CA ARG B 11 -6.68 10.09 -9.08
C ARG B 11 -6.95 9.14 -10.25
N ILE B 12 -8.02 9.40 -10.99
CA ILE B 12 -8.31 8.55 -12.13
C ILE B 12 -7.39 8.92 -13.26
N GLY B 13 -7.21 10.21 -13.48
CA GLY B 13 -6.31 10.64 -14.54
C GLY B 13 -4.93 10.05 -14.39
N ARG B 14 -4.45 9.98 -13.16
CA ARG B 14 -3.12 9.45 -12.90
C ARG B 14 -3.02 7.92 -12.96
N ILE B 15 -4.02 7.21 -12.44
CA ILE B 15 -3.99 5.75 -12.47
C ILE B 15 -4.19 5.24 -13.90
N VAL B 16 -4.92 6.01 -14.69
CA VAL B 16 -5.11 5.62 -16.08
C VAL B 16 -3.72 5.67 -16.74
N PHE B 17 -3.00 6.78 -16.54
CA PHE B 17 -1.67 6.92 -17.12
C PHE B 17 -0.79 5.75 -16.72
N ARG B 18 -0.86 5.34 -15.46
CA ARG B 18 -0.05 4.24 -14.98
C ARG B 18 -0.46 2.90 -15.56
N ALA B 19 -1.76 2.66 -15.66
CA ALA B 19 -2.22 1.41 -16.23
C ALA B 19 -1.84 1.31 -17.69
N ALA B 20 -1.94 2.43 -18.41
CA ALA B 20 -1.63 2.48 -19.84
C ALA B 20 -0.20 2.11 -20.23
N GLN B 21 0.71 2.23 -19.28
CA GLN B 21 2.11 1.94 -19.53
C GLN B 21 2.38 0.47 -19.79
N LYS B 22 1.49 -0.39 -19.29
CA LYS B 22 1.64 -1.82 -19.47
C LYS B 22 0.98 -2.31 -20.76
N ARG B 23 0.27 -1.41 -21.44
CA ARG B 23 -0.42 -1.71 -22.69
C ARG B 23 0.36 -1.24 -23.92
N SER B 24 0.39 -2.06 -24.97
CA SER B 24 1.13 -1.71 -26.18
C SER B 24 0.27 -1.12 -27.31
N ASP B 25 -1.04 -1.08 -27.10
CA ASP B 25 -1.97 -0.55 -28.10
C ASP B 25 -2.30 0.90 -27.79
N ILE B 26 -2.14 1.26 -26.52
CA ILE B 26 -2.43 2.61 -26.06
C ILE B 26 -1.13 3.35 -25.86
N GLU B 27 -1.17 4.67 -26.02
CA GLU B 27 0.01 5.51 -25.86
C GLU B 27 -0.44 6.87 -25.38
N ILE B 28 -0.03 7.27 -24.18
CA ILE B 28 -0.42 8.59 -23.68
C ILE B 28 0.53 9.57 -24.35
N VAL B 29 -0.02 10.52 -25.08
CA VAL B 29 0.77 11.49 -25.83
C VAL B 29 0.70 12.92 -25.27
N ALA B 30 -0.31 13.20 -24.47
CA ALA B 30 -0.48 14.53 -23.94
C ALA B 30 -1.26 14.47 -22.65
N ILE B 31 -1.01 15.43 -21.77
CA ILE B 31 -1.72 15.50 -20.49
C ILE B 31 -2.04 16.94 -20.20
N ASN B 32 -3.25 17.19 -19.69
CA ASN B 32 -3.66 18.54 -19.34
C ASN B 32 -4.27 18.58 -17.94
N ASP B 33 -3.92 19.64 -17.21
CA ASP B 33 -4.43 19.88 -15.86
C ASP B 33 -4.16 21.35 -15.61
N LEU B 34 -4.12 21.74 -14.35
CA LEU B 34 -3.88 23.13 -14.03
C LEU B 34 -2.59 23.30 -13.23
N LEU B 35 -1.54 22.61 -13.66
CA LEU B 35 -0.27 22.72 -12.95
C LEU B 35 0.96 22.66 -13.87
N ASP B 36 2.11 22.89 -13.25
CA ASP B 36 3.41 22.91 -13.92
C ASP B 36 3.88 21.49 -14.22
N ALA B 37 4.74 21.38 -15.21
CA ALA B 37 5.29 20.11 -15.62
C ALA B 37 6.10 19.47 -14.49
N ASP B 38 6.66 20.29 -13.61
CA ASP B 38 7.45 19.73 -12.50
C ASP B 38 6.59 19.23 -11.33
N TYR B 39 5.41 19.82 -11.12
CA TYR B 39 4.51 19.37 -10.07
C TYR B 39 3.80 18.12 -10.61
N MET B 40 3.51 18.16 -11.90
CA MET B 40 2.87 17.07 -12.61
C MET B 40 3.75 15.83 -12.41
N ALA B 41 5.05 15.99 -12.68
CA ALA B 41 6.03 14.91 -12.54
C ALA B 41 6.10 14.38 -11.10
N TYR B 42 5.87 15.25 -10.13
CA TYR B 42 5.92 14.84 -8.73
C TYR B 42 4.66 14.05 -8.42
N MET B 43 3.52 14.57 -8.89
CA MET B 43 2.23 13.91 -8.69
C MET B 43 2.31 12.47 -9.20
N LEU B 44 3.02 12.28 -10.30
CA LEU B 44 3.18 10.97 -10.91
C LEU B 44 4.24 10.06 -10.27
N LYS B 45 5.38 10.62 -9.88
CA LYS B 45 6.46 9.82 -9.26
C LYS B 45 6.02 9.19 -7.93
N TYR B 46 5.29 9.94 -7.10
CA TYR B 46 4.88 9.46 -5.78
C TYR B 46 3.39 9.36 -5.54
N ASP B 47 2.93 8.19 -5.11
CA ASP B 47 1.50 7.97 -4.83
C ASP B 47 1.32 7.31 -3.45
N SER B 48 0.57 7.94 -2.57
CA SER B 48 0.37 7.39 -1.22
C SER B 48 -0.39 6.08 -1.24
N THR B 49 -1.28 5.91 -2.23
CA THR B 49 -2.10 4.71 -2.35
C THR B 49 -1.48 3.57 -3.16
N HIS B 50 -0.84 3.87 -4.28
CA HIS B 50 -0.27 2.83 -5.14
C HIS B 50 1.26 2.76 -5.31
N GLY B 51 2.00 3.40 -4.40
CA GLY B 51 3.45 3.35 -4.47
C GLY B 51 4.07 4.32 -5.46
N ARG B 52 5.39 4.26 -5.57
CA ARG B 52 6.13 5.13 -6.46
C ARG B 52 5.98 4.68 -7.90
N PHE B 53 5.81 5.63 -8.81
CA PHE B 53 5.69 5.31 -10.22
C PHE B 53 6.78 4.31 -10.59
N ASP B 54 6.37 3.22 -11.25
CA ASP B 54 7.30 2.17 -11.65
C ASP B 54 7.94 2.40 -13.02
N GLY B 55 8.72 3.47 -13.13
CA GLY B 55 9.37 3.78 -14.39
C GLY B 55 10.15 5.06 -14.23
N THR B 56 10.59 5.64 -15.34
CA THR B 56 11.36 6.87 -15.27
C THR B 56 10.59 8.09 -15.76
N VAL B 57 10.79 9.22 -15.08
CA VAL B 57 10.12 10.46 -15.45
C VAL B 57 11.03 11.70 -15.27
N GLU B 58 11.05 12.56 -16.27
CA GLU B 58 11.86 13.77 -16.20
C GLU B 58 11.13 14.94 -16.83
N VAL B 59 11.52 16.14 -16.43
CA VAL B 59 10.92 17.35 -16.96
C VAL B 59 11.90 17.98 -17.96
N LYS B 60 11.38 18.52 -19.05
CA LYS B 60 12.24 19.13 -20.04
C LYS B 60 11.48 20.14 -20.91
N ASP B 61 12.11 21.28 -21.16
CA ASP B 61 11.52 22.32 -22.00
C ASP B 61 10.15 22.78 -21.51
N GLY B 62 9.63 22.10 -20.50
CA GLY B 62 8.31 22.46 -19.97
C GLY B 62 7.30 21.35 -20.14
N HIS B 63 7.79 20.18 -20.58
CA HIS B 63 6.97 19.00 -20.77
C HIS B 63 7.70 17.87 -20.09
N LEU B 64 7.14 16.67 -20.10
CA LEU B 64 7.78 15.56 -19.44
C LEU B 64 8.27 14.49 -20.39
N ILE B 65 9.20 13.69 -19.90
CA ILE B 65 9.71 12.58 -20.67
C ILE B 65 9.54 11.42 -19.74
N VAL B 66 8.56 10.57 -20.03
CA VAL B 66 8.27 9.40 -19.22
C VAL B 66 8.62 8.15 -20.00
N ASN B 67 9.46 7.30 -19.39
CA ASN B 67 9.90 6.08 -20.04
C ASN B 67 10.34 6.28 -21.48
N GLY B 68 11.39 7.07 -21.66
CA GLY B 68 11.92 7.33 -22.98
C GLY B 68 10.99 8.01 -23.96
N LYS B 69 9.78 8.36 -23.55
CA LYS B 69 8.84 9.02 -24.46
C LYS B 69 8.41 10.38 -23.92
N LYS B 70 8.21 11.33 -24.82
CA LYS B 70 7.81 12.68 -24.44
C LYS B 70 6.31 12.92 -24.35
N ILE B 71 5.87 13.44 -23.21
CA ILE B 71 4.46 13.73 -23.00
C ILE B 71 4.24 15.23 -22.97
N ARG B 72 3.32 15.71 -23.79
CA ARG B 72 3.05 17.14 -23.84
C ARG B 72 2.24 17.59 -22.63
N VAL B 73 2.67 18.70 -22.03
CA VAL B 73 1.99 19.23 -20.86
C VAL B 73 1.38 20.59 -21.17
N THR B 74 0.12 20.76 -20.78
CA THR B 74 -0.59 22.02 -20.97
C THR B 74 -1.33 22.28 -19.67
N ALA B 75 -1.81 23.52 -19.51
CA ALA B 75 -2.55 23.89 -18.31
C ALA B 75 -3.76 24.72 -18.73
N GLU B 76 -4.42 24.26 -19.79
CA GLU B 76 -5.59 24.91 -20.34
C GLU B 76 -6.88 24.52 -19.61
N ARG B 77 -7.52 25.51 -19.02
CA ARG B 77 -8.75 25.31 -18.28
C ARG B 77 -9.95 25.09 -19.20
N ASP B 78 -9.93 25.70 -20.38
CA ASP B 78 -11.02 25.53 -21.35
C ASP B 78 -10.59 24.47 -22.36
N PRO B 79 -11.27 23.31 -22.36
CA PRO B 79 -10.95 22.20 -23.28
C PRO B 79 -10.86 22.49 -24.76
N ALA B 80 -11.58 23.51 -25.22
CA ALA B 80 -11.56 23.85 -26.64
C ALA B 80 -10.24 24.49 -27.10
N ASN B 81 -9.39 24.85 -26.15
CA ASN B 81 -8.11 25.47 -26.48
C ASN B 81 -6.96 24.49 -26.44
N LEU B 82 -7.27 23.20 -26.37
CA LEU B 82 -6.25 22.16 -26.24
C LEU B 82 -5.45 21.71 -27.46
N LYS B 83 -5.91 22.01 -28.67
CA LYS B 83 -5.18 21.61 -29.88
C LYS B 83 -4.65 20.19 -29.84
N TRP B 84 -5.49 19.25 -29.37
CA TRP B 84 -5.12 17.84 -29.26
C TRP B 84 -4.49 17.30 -30.54
N ASP B 85 -4.97 17.78 -31.67
CA ASP B 85 -4.48 17.31 -32.96
C ASP B 85 -3.02 17.64 -33.27
N GLU B 86 -2.43 18.55 -32.51
CA GLU B 86 -1.03 18.91 -32.74
C GLU B 86 -0.14 17.72 -32.40
N VAL B 87 -0.58 16.89 -31.47
CA VAL B 87 0.17 15.73 -31.03
C VAL B 87 -0.46 14.45 -31.56
N GLY B 88 -1.53 14.61 -32.32
CA GLY B 88 -2.22 13.47 -32.91
C GLY B 88 -3.09 12.64 -31.99
N VAL B 89 -3.75 13.27 -31.02
CA VAL B 89 -4.60 12.54 -30.08
C VAL B 89 -5.82 11.91 -30.72
N ASP B 90 -5.92 10.59 -30.59
CA ASP B 90 -7.03 9.82 -31.12
C ASP B 90 -8.26 10.00 -30.22
N VAL B 91 -8.12 9.57 -28.96
CA VAL B 91 -9.20 9.67 -27.98
C VAL B 91 -8.72 10.40 -26.73
N VAL B 92 -9.60 11.20 -26.13
CA VAL B 92 -9.24 11.89 -24.89
C VAL B 92 -10.02 11.26 -23.73
N ALA B 93 -9.35 11.13 -22.58
CA ALA B 93 -9.97 10.57 -21.39
C ALA B 93 -10.41 11.77 -20.57
N GLU B 94 -11.71 12.06 -20.57
CA GLU B 94 -12.22 13.19 -19.80
C GLU B 94 -12.24 12.77 -18.32
N ALA B 95 -11.30 13.31 -17.55
CA ALA B 95 -11.17 12.93 -16.14
C ALA B 95 -11.20 14.07 -15.12
N THR B 96 -11.88 15.17 -15.45
CA THR B 96 -11.97 16.27 -14.51
C THR B 96 -13.27 16.30 -13.70
N GLY B 97 -14.27 15.53 -14.14
CA GLY B 97 -15.55 15.52 -13.43
C GLY B 97 -16.30 16.82 -13.65
N LEU B 98 -15.82 17.61 -14.60
CA LEU B 98 -16.43 18.91 -14.90
C LEU B 98 -17.17 18.95 -16.24
N PHE B 99 -16.81 18.05 -17.14
CA PHE B 99 -17.42 18.03 -18.47
C PHE B 99 -18.09 16.69 -18.74
N LEU B 100 -19.23 16.47 -18.10
CA LEU B 100 -19.96 15.22 -18.25
C LEU B 100 -21.27 15.29 -19.08
N THR B 101 -21.30 16.20 -20.03
CA THR B 101 -22.43 16.35 -20.94
C THR B 101 -21.79 16.45 -22.31
N ASP B 102 -22.54 16.06 -23.35
CA ASP B 102 -22.02 16.09 -24.72
C ASP B 102 -21.51 17.47 -25.15
N GLU B 103 -22.21 18.51 -24.70
CA GLU B 103 -21.87 19.88 -25.03
C GLU B 103 -20.48 20.28 -24.61
N THR B 104 -20.22 20.12 -23.31
CA THR B 104 -18.93 20.45 -22.74
C THR B 104 -17.84 19.50 -23.24
N ALA B 105 -18.13 18.20 -23.24
CA ALA B 105 -17.17 17.19 -23.69
C ALA B 105 -16.84 17.24 -25.19
N ARG B 106 -17.77 17.77 -26.00
CA ARG B 106 -17.53 17.86 -27.44
C ARG B 106 -16.40 18.84 -27.77
N LYS B 107 -16.14 19.78 -26.86
CA LYS B 107 -15.07 20.76 -27.05
C LYS B 107 -13.74 20.08 -27.35
N HIS B 108 -13.60 18.83 -26.90
CA HIS B 108 -12.39 18.05 -27.13
C HIS B 108 -12.33 17.59 -28.59
N ILE B 109 -13.51 17.51 -29.21
CA ILE B 109 -13.60 17.11 -30.60
C ILE B 109 -13.30 18.38 -31.37
N THR B 110 -13.83 19.50 -30.88
CA THR B 110 -13.62 20.80 -31.49
C THR B 110 -12.13 21.12 -31.42
N ALA B 111 -11.47 20.60 -30.39
CA ALA B 111 -10.04 20.82 -30.17
C ALA B 111 -9.12 19.89 -30.96
N GLY B 112 -9.69 19.00 -31.77
CA GLY B 112 -8.84 18.12 -32.57
C GLY B 112 -8.96 16.63 -32.34
N ALA B 113 -9.48 16.24 -31.18
CA ALA B 113 -9.66 14.84 -30.86
C ALA B 113 -10.81 14.26 -31.69
N LYS B 114 -10.79 12.95 -31.93
CA LYS B 114 -11.84 12.35 -32.73
C LYS B 114 -12.92 11.72 -31.84
N LYS B 115 -12.53 11.27 -30.65
CA LYS B 115 -13.50 10.67 -29.75
C LYS B 115 -13.16 10.99 -28.30
N VAL B 116 -14.17 10.91 -27.44
CA VAL B 116 -14.00 11.18 -26.01
C VAL B 116 -14.65 10.08 -25.17
N VAL B 117 -14.02 9.79 -24.03
CA VAL B 117 -14.51 8.79 -23.09
C VAL B 117 -14.55 9.48 -21.71
N MET B 118 -15.75 9.85 -21.23
CA MET B 118 -15.85 10.48 -19.91
C MET B 118 -15.61 9.43 -18.84
N THR B 119 -14.82 9.78 -17.83
CA THR B 119 -14.52 8.85 -16.74
C THR B 119 -15.58 8.86 -15.64
N GLY B 120 -16.75 9.43 -15.94
CA GLY B 120 -17.81 9.48 -14.96
C GLY B 120 -19.15 9.33 -15.68
N PRO B 121 -20.21 8.95 -14.96
CA PRO B 121 -21.51 8.80 -15.61
C PRO B 121 -21.94 10.13 -16.26
N SER B 122 -22.53 10.04 -17.46
CA SER B 122 -22.98 11.23 -18.17
C SER B 122 -24.03 11.97 -17.37
N LYS B 123 -24.11 13.27 -17.58
CA LYS B 123 -25.10 14.09 -16.90
C LYS B 123 -26.29 14.27 -17.85
N ASP B 124 -26.19 13.67 -19.02
CA ASP B 124 -27.26 13.77 -20.00
C ASP B 124 -27.41 12.45 -20.74
N ASN B 125 -28.11 12.47 -21.86
CA ASN B 125 -28.35 11.26 -22.63
C ASN B 125 -27.12 10.60 -23.23
N THR B 126 -25.93 11.12 -22.97
CA THR B 126 -24.71 10.54 -23.50
C THR B 126 -24.66 9.05 -23.11
N PRO B 127 -24.46 8.17 -24.09
CA PRO B 127 -24.40 6.72 -23.85
C PRO B 127 -23.29 6.24 -22.91
N MET B 128 -23.68 5.36 -21.98
CA MET B 128 -22.76 4.75 -21.01
C MET B 128 -22.51 3.30 -21.38
N PHE B 129 -21.25 2.88 -21.34
CA PHE B 129 -20.88 1.51 -21.66
C PHE B 129 -20.10 0.88 -20.50
N VAL B 130 -20.47 -0.36 -20.16
CA VAL B 130 -19.84 -1.07 -19.06
C VAL B 130 -19.39 -2.46 -19.51
N LYS B 131 -18.09 -2.71 -19.38
CA LYS B 131 -17.51 -3.99 -19.78
C LYS B 131 -18.14 -5.15 -19.03
N GLY B 132 -18.61 -6.15 -19.78
CA GLY B 132 -19.26 -7.31 -19.17
C GLY B 132 -20.77 -7.16 -19.17
N ALA B 133 -21.26 -5.98 -19.56
CA ALA B 133 -22.67 -5.69 -19.62
C ALA B 133 -23.10 -5.36 -21.05
N ASN B 134 -22.77 -4.15 -21.51
CA ASN B 134 -23.18 -3.69 -22.84
C ASN B 134 -22.09 -3.15 -23.78
N PHE B 135 -20.87 -3.71 -23.76
CA PHE B 135 -19.85 -3.19 -24.66
C PHE B 135 -20.22 -3.46 -26.12
N ASP B 136 -20.80 -4.64 -26.35
CA ASP B 136 -21.23 -5.07 -27.68
C ASP B 136 -22.33 -4.20 -28.29
N LYS B 137 -22.84 -3.24 -27.52
CA LYS B 137 -23.88 -2.34 -28.01
C LYS B 137 -23.31 -1.00 -28.49
N TYR B 138 -21.99 -0.90 -28.52
CA TYR B 138 -21.34 0.34 -28.97
C TYR B 138 -21.60 0.51 -30.45
N ALA B 139 -22.19 1.63 -30.83
CA ALA B 139 -22.51 1.89 -32.22
C ALA B 139 -21.76 3.04 -32.90
N GLY B 140 -20.45 3.13 -32.67
CA GLY B 140 -19.65 4.17 -33.30
C GLY B 140 -19.72 5.61 -32.80
N GLN B 141 -20.45 5.85 -31.72
CA GLN B 141 -20.55 7.21 -31.16
C GLN B 141 -19.17 7.83 -30.91
N ASP B 142 -19.09 9.16 -31.01
CA ASP B 142 -17.81 9.83 -30.81
C ASP B 142 -17.59 10.25 -29.34
N ILE B 143 -18.68 10.36 -28.58
CA ILE B 143 -18.60 10.73 -27.17
C ILE B 143 -19.36 9.71 -26.31
N VAL B 144 -18.64 8.99 -25.43
CA VAL B 144 -19.28 8.02 -24.54
C VAL B 144 -18.82 8.18 -23.08
N SER B 145 -19.42 7.38 -22.20
CA SER B 145 -19.12 7.39 -20.76
C SER B 145 -18.92 5.97 -20.27
N ASN B 146 -17.98 5.79 -19.33
CA ASN B 146 -17.67 4.47 -18.75
C ASN B 146 -18.45 4.24 -17.45
N ALA B 147 -19.51 5.01 -17.24
CA ALA B 147 -20.34 4.91 -16.05
C ALA B 147 -19.53 5.18 -14.79
N SER B 148 -19.99 4.67 -13.65
CA SER B 148 -19.28 4.88 -12.40
C SER B 148 -18.46 3.68 -11.97
N CYS B 149 -17.71 3.85 -10.88
CA CYS B 149 -16.89 2.77 -10.32
C CYS B 149 -17.88 1.73 -9.77
N THR B 150 -18.94 2.24 -9.14
CA THR B 150 -19.95 1.38 -8.54
C THR B 150 -20.76 0.61 -9.59
N THR B 151 -21.22 1.29 -10.63
CA THR B 151 -21.99 0.59 -11.66
C THR B 151 -21.14 -0.47 -12.37
N ASN B 152 -19.83 -0.25 -12.40
CA ASN B 152 -18.93 -1.19 -13.07
C ASN B 152 -18.76 -2.43 -12.23
N CYS B 153 -19.19 -2.36 -10.97
CA CYS B 153 -19.09 -3.53 -10.08
C CYS B 153 -20.41 -4.31 -10.09
N LEU B 154 -21.50 -3.58 -9.85
CA LEU B 154 -22.85 -4.14 -9.79
C LEU B 154 -23.39 -4.75 -11.09
N ALA B 155 -23.15 -4.09 -12.23
CA ALA B 155 -23.65 -4.58 -13.52
C ALA B 155 -23.19 -5.99 -13.87
N PRO B 156 -21.86 -6.23 -13.88
CA PRO B 156 -21.39 -7.58 -14.22
C PRO B 156 -21.97 -8.71 -13.35
N LEU B 157 -22.18 -8.43 -12.07
CA LEU B 157 -22.71 -9.42 -11.14
C LEU B 157 -24.22 -9.56 -11.34
N ALA B 158 -24.91 -8.43 -11.38
CA ALA B 158 -26.35 -8.37 -11.56
C ALA B 158 -26.79 -9.13 -12.81
N LYS B 159 -25.87 -9.29 -13.76
CA LYS B 159 -26.16 -9.99 -15.02
C LYS B 159 -26.07 -11.51 -14.86
N VAL B 160 -25.08 -11.98 -14.11
CA VAL B 160 -24.91 -13.41 -13.88
C VAL B 160 -26.09 -13.91 -13.05
N ILE B 161 -26.54 -13.07 -12.12
CA ILE B 161 -27.63 -13.38 -11.23
C ILE B 161 -28.97 -13.36 -11.97
N ASN B 162 -29.15 -12.37 -12.84
CA ASN B 162 -30.38 -12.26 -13.62
C ASN B 162 -30.47 -13.44 -14.57
N ASP B 163 -29.46 -13.56 -15.43
CA ASP B 163 -29.38 -14.63 -16.42
C ASP B 163 -29.58 -16.02 -15.84
N ASN B 164 -29.21 -16.22 -14.59
CA ASN B 164 -29.34 -17.53 -14.00
C ASN B 164 -30.62 -17.82 -13.20
N PHE B 165 -31.06 -16.87 -12.37
CA PHE B 165 -32.25 -17.12 -11.57
C PHE B 165 -33.29 -16.02 -11.68
N GLY B 166 -32.98 -15.00 -12.47
CA GLY B 166 -33.89 -13.89 -12.66
C GLY B 166 -34.04 -13.03 -11.41
N ILE B 167 -33.85 -11.72 -11.57
CA ILE B 167 -33.98 -10.77 -10.48
C ILE B 167 -35.30 -10.04 -10.59
N ILE B 168 -36.14 -10.18 -9.56
CA ILE B 168 -37.43 -9.50 -9.56
C ILE B 168 -37.20 -8.06 -9.13
N GLU B 169 -36.48 -7.91 -8.01
CA GLU B 169 -36.16 -6.59 -7.47
C GLU B 169 -34.90 -6.67 -6.60
N GLY B 170 -34.18 -5.57 -6.52
CA GLY B 170 -32.98 -5.52 -5.73
C GLY B 170 -32.73 -4.13 -5.16
N LEU B 171 -32.08 -4.11 -4.00
CA LEU B 171 -31.72 -2.86 -3.32
C LEU B 171 -30.22 -2.99 -3.01
N MET B 172 -29.45 -1.98 -3.43
CA MET B 172 -27.99 -1.97 -3.24
C MET B 172 -27.45 -0.93 -2.26
N THR B 173 -26.34 -1.30 -1.64
CA THR B 173 -25.65 -0.43 -0.71
C THR B 173 -24.18 -0.63 -1.00
N THR B 174 -23.44 0.48 -1.14
CA THR B 174 -22.00 0.37 -1.36
C THR B 174 -21.23 1.05 -0.21
N VAL B 175 -20.33 0.31 0.40
CA VAL B 175 -19.49 0.86 1.47
C VAL B 175 -18.29 1.33 0.67
N HIS B 176 -18.26 2.64 0.43
CA HIS B 176 -17.25 3.28 -0.39
C HIS B 176 -16.11 4.03 0.33
N ALA B 177 -14.92 3.94 -0.27
CA ALA B 177 -13.73 4.63 0.26
C ALA B 177 -13.87 6.14 0.08
N THR B 178 -13.00 6.90 0.74
CA THR B 178 -13.05 8.36 0.62
C THR B 178 -12.52 8.81 -0.74
N THR B 179 -13.04 9.92 -1.25
CA THR B 179 -12.57 10.44 -2.53
C THR B 179 -12.24 11.94 -2.47
N ALA B 180 -11.62 12.42 -3.54
CA ALA B 180 -11.20 13.82 -3.65
C ALA B 180 -12.31 14.82 -3.38
N THR B 181 -13.55 14.40 -3.56
CA THR B 181 -14.69 15.28 -3.35
C THR B 181 -14.95 15.52 -1.87
N GLN B 182 -14.36 14.68 -1.02
CA GLN B 182 -14.60 14.84 0.42
C GLN B 182 -13.63 15.82 1.09
N LYS B 183 -13.82 16.05 2.38
CA LYS B 183 -12.98 17.00 3.10
C LYS B 183 -12.36 16.44 4.39
N THR B 184 -11.16 16.97 4.72
CA THR B 184 -10.39 16.54 5.90
C THR B 184 -11.07 16.86 7.24
N VAL B 185 -11.69 18.02 7.35
CA VAL B 185 -12.40 18.37 8.57
C VAL B 185 -13.68 19.06 8.08
N ASP B 186 -14.66 19.21 8.96
CA ASP B 186 -15.95 19.84 8.61
C ASP B 186 -15.84 21.11 7.77
N GLY B 187 -16.14 21.00 6.48
CA GLY B 187 -16.09 22.13 5.57
C GLY B 187 -17.27 22.27 4.62
N PRO B 188 -17.27 23.32 3.78
CA PRO B 188 -18.32 23.61 2.80
C PRO B 188 -18.42 22.63 1.63
N SER B 189 -19.63 22.11 1.44
CA SER B 189 -19.94 21.16 0.36
C SER B 189 -21.40 21.48 0.04
N HIS B 190 -21.64 22.71 -0.38
CA HIS B 190 -22.95 23.23 -0.71
C HIS B 190 -23.96 22.28 -1.36
N LYS B 191 -23.46 21.31 -2.13
CA LYS B 191 -24.33 20.36 -2.83
C LYS B 191 -24.44 18.96 -2.23
N ASP B 192 -24.09 18.81 -0.96
CA ASP B 192 -24.13 17.50 -0.31
C ASP B 192 -23.62 17.71 1.10
N TRP B 193 -24.46 18.33 1.92
CA TRP B 193 -24.15 18.63 3.31
C TRP B 193 -23.36 17.56 4.07
N ARG B 194 -23.74 16.30 3.88
CA ARG B 194 -23.04 15.21 4.58
C ARG B 194 -21.63 15.00 4.04
N GLY B 195 -21.48 15.15 2.72
CA GLY B 195 -20.18 14.95 2.12
C GLY B 195 -19.10 15.92 2.56
N GLY B 196 -19.48 17.04 3.17
CA GLY B 196 -18.51 18.01 3.63
C GLY B 196 -17.97 17.71 5.03
N ARG B 197 -18.61 16.77 5.70
CA ARG B 197 -18.21 16.39 7.05
C ARG B 197 -16.90 15.62 7.06
N GLY B 198 -16.06 15.90 8.05
CA GLY B 198 -14.77 15.25 8.16
C GLY B 198 -14.73 13.80 7.72
N ALA B 199 -14.13 13.56 6.57
CA ALA B 199 -14.04 12.23 6.00
C ALA B 199 -13.48 11.15 6.92
N SER B 200 -12.37 11.45 7.61
CA SER B 200 -11.73 10.48 8.48
C SER B 200 -12.46 10.19 9.81
N GLN B 201 -13.39 11.05 10.19
CA GLN B 201 -14.12 10.90 11.44
C GLN B 201 -15.50 10.26 11.33
N ASN B 202 -16.04 10.22 10.12
CA ASN B 202 -17.39 9.72 9.93
C ASN B 202 -17.68 8.57 9.00
N ILE B 203 -18.88 8.02 9.21
CA ILE B 203 -19.44 6.98 8.37
C ILE B 203 -20.44 7.95 7.74
N ILE B 204 -20.27 8.23 6.45
CA ILE B 204 -21.10 9.21 5.78
C ILE B 204 -22.10 8.67 4.76
N PRO B 205 -23.40 8.79 5.09
CA PRO B 205 -24.48 8.32 4.20
C PRO B 205 -24.42 9.12 2.91
N SER B 206 -24.41 8.43 1.78
CA SER B 206 -24.37 9.11 0.49
C SER B 206 -25.30 8.49 -0.56
N SER B 207 -25.87 9.33 -1.41
CA SER B 207 -26.75 8.85 -2.46
C SER B 207 -25.99 8.41 -3.72
N THR B 208 -26.55 7.42 -4.42
CA THR B 208 -25.96 6.92 -5.65
C THR B 208 -26.99 6.74 -6.74
N GLY B 209 -26.53 6.77 -7.99
CA GLY B 209 -27.40 6.57 -9.12
C GLY B 209 -26.90 5.33 -9.83
N ALA B 210 -25.86 4.73 -9.25
CA ALA B 210 -25.23 3.54 -9.81
C ALA B 210 -26.16 2.35 -9.94
N ALA B 211 -27.08 2.21 -8.99
CA ALA B 211 -28.03 1.11 -9.01
C ALA B 211 -28.99 1.25 -10.20
N LYS B 212 -29.69 2.39 -10.27
CA LYS B 212 -30.60 2.60 -11.38
C LYS B 212 -29.85 2.43 -12.69
N ALA B 213 -28.75 3.17 -12.82
CA ALA B 213 -27.94 3.12 -14.03
C ALA B 213 -27.63 1.72 -14.54
N VAL B 214 -27.75 0.72 -13.69
CA VAL B 214 -27.47 -0.65 -14.12
C VAL B 214 -28.52 -1.11 -15.14
N GLY B 215 -29.73 -0.58 -14.99
CA GLY B 215 -30.83 -0.92 -15.88
C GLY B 215 -30.68 -0.25 -17.23
N LYS B 216 -29.84 0.78 -17.29
CA LYS B 216 -29.58 1.51 -18.53
C LYS B 216 -28.59 0.75 -19.41
N VAL B 217 -27.66 0.02 -18.78
CA VAL B 217 -26.66 -0.78 -19.51
C VAL B 217 -27.11 -2.24 -19.60
N LEU B 218 -28.15 -2.57 -18.85
CA LEU B 218 -28.75 -3.90 -18.84
C LEU B 218 -30.25 -3.62 -18.78
N PRO B 219 -30.85 -3.20 -19.90
CA PRO B 219 -32.28 -2.87 -20.05
C PRO B 219 -33.26 -3.82 -19.35
N GLU B 220 -32.95 -5.10 -19.40
CA GLU B 220 -33.76 -6.11 -18.77
C GLU B 220 -34.02 -5.75 -17.30
N LEU B 221 -32.98 -5.23 -16.66
CA LEU B 221 -33.01 -4.87 -15.24
C LEU B 221 -33.60 -3.49 -14.98
N ASN B 222 -33.92 -2.76 -16.04
CA ASN B 222 -34.45 -1.42 -15.86
C ASN B 222 -35.58 -1.32 -14.86
N GLY B 223 -35.42 -0.44 -13.88
CA GLY B 223 -36.44 -0.25 -12.86
C GLY B 223 -36.44 -1.25 -11.71
N LYS B 224 -35.62 -2.27 -11.78
CA LYS B 224 -35.62 -3.29 -10.73
C LYS B 224 -34.60 -3.12 -9.61
N LEU B 225 -33.75 -2.09 -9.70
CA LEU B 225 -32.74 -1.84 -8.68
C LEU B 225 -32.58 -0.35 -8.37
N THR B 226 -32.12 -0.06 -7.14
CA THR B 226 -31.84 1.29 -6.70
C THR B 226 -31.02 1.14 -5.41
N GLY B 227 -30.48 2.23 -4.88
CA GLY B 227 -29.69 2.09 -3.67
C GLY B 227 -29.07 3.35 -3.10
N MET B 228 -28.19 3.16 -2.11
CA MET B 228 -27.51 4.27 -1.44
C MET B 228 -26.07 3.86 -1.10
N ALA B 229 -25.32 4.79 -0.54
CA ALA B 229 -23.93 4.51 -0.16
C ALA B 229 -23.57 5.02 1.23
N PHE B 230 -22.46 4.48 1.73
CA PHE B 230 -21.90 4.85 3.02
C PHE B 230 -20.41 5.15 2.77
N ARG B 231 -20.00 6.39 2.98
CA ARG B 231 -18.60 6.78 2.79
C ARG B 231 -17.88 6.53 4.13
N VAL B 232 -16.86 5.67 4.11
CA VAL B 232 -16.09 5.37 5.32
C VAL B 232 -14.61 5.73 5.17
N PRO B 233 -13.89 5.91 6.31
CA PRO B 233 -12.47 6.27 6.39
C PRO B 233 -11.41 5.28 5.87
N THR B 234 -11.35 5.09 4.56
CA THR B 234 -10.33 4.25 3.96
C THR B 234 -9.92 5.09 2.75
N PRO B 235 -8.68 4.95 2.29
CA PRO B 235 -8.24 5.74 1.14
C PRO B 235 -8.62 5.16 -0.22
N ASN B 236 -8.84 3.85 -0.27
CA ASN B 236 -9.20 3.19 -1.52
C ASN B 236 -9.81 1.82 -1.29
N VAL B 237 -10.42 1.28 -2.35
CA VAL B 237 -11.14 0.02 -2.44
C VAL B 237 -12.48 -0.02 -1.69
N SER B 238 -13.56 -0.18 -2.47
CA SER B 238 -14.91 -0.25 -1.92
C SER B 238 -15.59 -1.61 -2.18
N VAL B 239 -16.77 -1.83 -1.61
CA VAL B 239 -17.50 -3.10 -1.77
C VAL B 239 -19.02 -2.86 -1.91
N VAL B 240 -19.69 -3.59 -2.80
CA VAL B 240 -21.15 -3.45 -2.97
C VAL B 240 -21.90 -4.54 -2.22
N ASP B 241 -23.03 -4.12 -1.66
CA ASP B 241 -23.91 -5.00 -0.89
C ASP B 241 -25.26 -5.13 -1.62
N LEU B 242 -25.42 -6.22 -2.36
CA LEU B 242 -26.64 -6.45 -3.12
C LEU B 242 -27.64 -7.42 -2.47
N THR B 243 -28.80 -6.89 -2.10
CA THR B 243 -29.88 -7.69 -1.52
C THR B 243 -30.95 -7.87 -2.62
N VAL B 244 -31.21 -9.12 -3.01
CA VAL B 244 -32.19 -9.38 -4.07
C VAL B 244 -33.15 -10.56 -3.90
N ARG B 245 -34.29 -10.48 -4.59
CA ARG B 245 -35.32 -11.53 -4.61
C ARG B 245 -35.16 -12.22 -5.95
N LEU B 246 -35.09 -13.55 -5.93
CA LEU B 246 -34.92 -14.32 -7.16
C LEU B 246 -36.19 -15.01 -7.62
N GLU B 247 -36.40 -15.03 -8.93
CA GLU B 247 -37.56 -15.68 -9.53
C GLU B 247 -37.41 -17.18 -9.35
N LYS B 248 -36.31 -17.72 -9.85
CA LYS B 248 -36.03 -19.14 -9.74
C LYS B 248 -35.23 -19.43 -8.47
N ALA B 249 -35.73 -20.34 -7.63
CA ALA B 249 -35.07 -20.69 -6.39
C ALA B 249 -33.70 -21.30 -6.62
N ALA B 250 -32.72 -20.87 -5.83
CA ALA B 250 -31.35 -21.38 -5.95
C ALA B 250 -30.65 -21.36 -4.60
N THR B 251 -29.92 -22.43 -4.29
CA THR B 251 -29.18 -22.50 -3.03
C THR B 251 -27.99 -21.54 -3.16
N TYR B 252 -27.36 -21.21 -2.04
CA TYR B 252 -26.22 -20.33 -2.09
C TYR B 252 -25.14 -21.04 -2.85
N GLU B 253 -25.07 -22.35 -2.71
CA GLU B 253 -24.07 -23.13 -3.40
C GLU B 253 -24.35 -23.20 -4.89
N GLN B 254 -25.58 -22.84 -5.27
CA GLN B 254 -25.98 -22.85 -6.66
C GLN B 254 -25.54 -21.53 -7.22
N ILE B 255 -25.83 -20.48 -6.46
CA ILE B 255 -25.47 -19.12 -6.84
C ILE B 255 -23.96 -19.02 -7.03
N LYS B 256 -23.20 -19.47 -6.04
CA LYS B 256 -21.74 -19.44 -6.16
C LYS B 256 -21.28 -20.09 -7.45
N ALA B 257 -21.77 -21.31 -7.70
CA ALA B 257 -21.40 -22.05 -8.90
C ALA B 257 -21.60 -21.25 -10.18
N ALA B 258 -22.68 -20.48 -10.24
CA ALA B 258 -22.97 -19.66 -11.42
C ALA B 258 -21.88 -18.59 -11.57
N VAL B 259 -21.68 -17.85 -10.47
CA VAL B 259 -20.69 -16.78 -10.45
C VAL B 259 -19.34 -17.34 -10.86
N LYS B 260 -18.86 -18.34 -10.13
CA LYS B 260 -17.57 -18.95 -10.42
C LYS B 260 -17.41 -19.37 -11.89
N ALA B 261 -18.51 -19.73 -12.53
CA ALA B 261 -18.47 -20.15 -13.93
C ALA B 261 -18.38 -18.95 -14.86
N ALA B 262 -19.17 -17.92 -14.59
CA ALA B 262 -19.14 -16.72 -15.41
C ALA B 262 -17.76 -16.10 -15.24
N ALA B 263 -17.25 -16.16 -14.02
CA ALA B 263 -15.94 -15.63 -13.69
C ALA B 263 -14.83 -16.39 -14.41
N GLU B 264 -14.94 -17.71 -14.45
CA GLU B 264 -13.93 -18.53 -15.10
C GLU B 264 -14.10 -18.63 -16.60
N GLY B 265 -15.06 -17.89 -17.15
CA GLY B 265 -15.27 -17.94 -18.58
C GLY B 265 -15.76 -16.63 -19.16
N GLU B 266 -17.06 -16.56 -19.38
CA GLU B 266 -17.71 -15.40 -19.98
C GLU B 266 -17.39 -14.02 -19.40
N MET B 267 -17.24 -13.92 -18.09
CA MET B 267 -16.94 -12.63 -17.47
C MET B 267 -15.51 -12.52 -16.99
N LYS B 268 -14.67 -13.49 -17.37
CA LYS B 268 -13.26 -13.52 -16.99
C LYS B 268 -12.53 -12.21 -17.28
N GLY B 269 -12.03 -11.56 -16.21
CA GLY B 269 -11.31 -10.31 -16.35
C GLY B 269 -12.14 -9.12 -15.94
N VAL B 270 -13.45 -9.33 -15.86
CA VAL B 270 -14.35 -8.27 -15.46
C VAL B 270 -14.92 -8.65 -14.11
N LEU B 271 -15.32 -9.91 -13.97
CA LEU B 271 -15.87 -10.42 -12.71
C LEU B 271 -14.95 -11.52 -12.17
N GLY B 272 -14.60 -11.40 -10.88
CA GLY B 272 -13.73 -12.38 -10.26
C GLY B 272 -14.44 -13.17 -9.18
N TYR B 273 -13.81 -14.26 -8.74
CA TYR B 273 -14.41 -15.12 -7.75
C TYR B 273 -13.43 -15.59 -6.68
N THR B 274 -13.80 -15.40 -5.41
CA THR B 274 -12.95 -15.84 -4.32
C THR B 274 -13.73 -16.44 -3.14
N GLU B 275 -13.08 -17.36 -2.44
CA GLU B 275 -13.67 -17.99 -1.27
C GLU B 275 -12.81 -17.71 -0.05
N ASP B 276 -11.85 -16.79 -0.18
CA ASP B 276 -10.93 -16.44 0.92
C ASP B 276 -11.48 -15.41 1.91
N ASP B 277 -10.89 -15.35 3.09
CA ASP B 277 -11.29 -14.41 4.13
C ASP B 277 -10.67 -13.05 3.88
N VAL B 278 -10.94 -12.49 2.70
CA VAL B 278 -10.38 -11.20 2.28
C VAL B 278 -10.98 -9.96 2.93
N VAL B 279 -10.21 -8.87 2.87
CA VAL B 279 -10.60 -7.59 3.42
C VAL B 279 -10.29 -6.58 2.34
N SER B 280 -10.74 -5.35 2.51
CA SER B 280 -10.54 -4.34 1.49
C SER B 280 -9.12 -4.18 0.96
N THR B 281 -8.14 -4.09 1.86
CA THR B 281 -6.76 -3.90 1.41
C THR B 281 -6.29 -4.99 0.48
N ASP B 282 -6.88 -6.18 0.57
CA ASP B 282 -6.47 -7.29 -0.29
C ASP B 282 -6.79 -7.05 -1.78
N PHE B 283 -7.45 -5.93 -2.05
CA PHE B 283 -7.83 -5.57 -3.41
C PHE B 283 -7.25 -4.25 -3.90
N ASN B 284 -6.37 -3.63 -3.10
CA ASN B 284 -5.77 -2.38 -3.51
C ASN B 284 -4.88 -2.74 -4.69
N GLY B 285 -5.28 -2.25 -5.88
CA GLY B 285 -4.57 -2.53 -7.11
C GLY B 285 -5.24 -3.61 -7.96
N GLU B 286 -6.45 -4.05 -7.59
CA GLU B 286 -7.16 -5.10 -8.32
C GLU B 286 -7.72 -4.63 -9.68
N VAL B 287 -7.45 -5.40 -10.73
CA VAL B 287 -7.90 -5.05 -12.09
C VAL B 287 -9.34 -5.40 -12.47
N CYS B 288 -9.85 -6.53 -11.94
CA CYS B 288 -11.23 -6.98 -12.20
C CYS B 288 -12.14 -5.94 -11.58
N THR B 289 -13.17 -5.52 -12.28
CA THR B 289 -14.06 -4.49 -11.72
C THR B 289 -15.09 -5.00 -10.71
N SER B 290 -15.12 -6.31 -10.48
CA SER B 290 -16.06 -6.90 -9.54
C SER B 290 -15.59 -8.26 -9.04
N VAL B 291 -15.16 -8.34 -7.79
CA VAL B 291 -14.73 -9.62 -7.25
C VAL B 291 -15.73 -10.11 -6.19
N PHE B 292 -16.41 -11.19 -6.56
CA PHE B 292 -17.44 -11.82 -5.72
C PHE B 292 -16.84 -12.48 -4.48
N ASP B 293 -17.33 -12.07 -3.31
CA ASP B 293 -16.84 -12.61 -2.05
C ASP B 293 -17.79 -13.73 -1.65
N ALA B 294 -17.43 -14.97 -1.99
CA ALA B 294 -18.29 -16.11 -1.69
C ALA B 294 -18.65 -16.20 -0.21
N LYS B 295 -17.62 -16.26 0.64
CA LYS B 295 -17.79 -16.38 2.09
C LYS B 295 -18.52 -15.25 2.81
N ALA B 296 -18.60 -14.08 2.21
CA ALA B 296 -19.26 -12.96 2.85
C ALA B 296 -20.78 -12.91 2.63
N GLY B 297 -21.24 -13.50 1.54
CA GLY B 297 -22.65 -13.50 1.21
C GLY B 297 -23.57 -14.27 2.15
N ILE B 298 -24.82 -13.82 2.25
CA ILE B 298 -25.81 -14.48 3.11
C ILE B 298 -27.22 -14.62 2.46
N ALA B 299 -27.80 -15.81 2.61
CA ALA B 299 -29.13 -16.09 2.06
C ALA B 299 -30.17 -16.31 3.14
N LEU B 300 -31.37 -15.76 2.97
CA LEU B 300 -32.45 -15.98 3.94
C LEU B 300 -33.23 -17.24 3.51
N ASN B 301 -33.27 -17.48 2.20
CA ASN B 301 -33.93 -18.65 1.60
C ASN B 301 -33.57 -18.62 0.12
N ASP B 302 -33.91 -19.67 -0.62
CA ASP B 302 -33.59 -19.75 -2.05
C ASP B 302 -34.12 -18.63 -2.96
N ASN B 303 -34.86 -17.67 -2.40
CA ASN B 303 -35.39 -16.55 -3.20
C ASN B 303 -35.11 -15.14 -2.61
N PHE B 304 -34.35 -15.07 -1.52
CA PHE B 304 -33.99 -13.80 -0.88
C PHE B 304 -32.56 -13.92 -0.37
N VAL B 305 -31.63 -13.21 -1.04
CA VAL B 305 -30.21 -13.25 -0.67
C VAL B 305 -29.43 -11.92 -0.80
N LYS B 306 -28.37 -11.82 0.01
CA LYS B 306 -27.50 -10.65 0.03
C LYS B 306 -26.15 -11.08 -0.51
N LEU B 307 -25.70 -10.44 -1.60
CA LEU B 307 -24.43 -10.79 -2.23
C LEU B 307 -23.40 -9.69 -2.03
N VAL B 308 -22.13 -10.09 -1.91
CA VAL B 308 -21.02 -9.15 -1.69
C VAL B 308 -19.95 -9.25 -2.78
N SER B 309 -19.53 -8.08 -3.29
CA SER B 309 -18.49 -8.00 -4.33
C SER B 309 -17.58 -6.77 -4.10
N TRP B 310 -16.27 -6.99 -4.28
CA TRP B 310 -15.25 -5.96 -4.07
C TRP B 310 -14.73 -5.28 -5.33
N TYR B 311 -14.39 -4.00 -5.23
CA TYR B 311 -13.81 -3.29 -6.37
C TYR B 311 -12.87 -2.14 -6.00
N ASP B 312 -11.69 -2.15 -6.60
CA ASP B 312 -10.73 -1.08 -6.37
C ASP B 312 -11.26 0.05 -7.24
N ASN B 313 -12.03 0.95 -6.62
CA ASN B 313 -12.64 2.06 -7.34
C ASN B 313 -11.68 2.89 -8.15
N GLU B 314 -10.37 2.67 -7.98
CA GLU B 314 -9.39 3.44 -8.74
C GLU B 314 -8.76 2.63 -9.87
N THR B 315 -8.18 1.49 -9.52
CA THR B 315 -7.47 0.64 -10.48
C THR B 315 -8.30 -0.17 -11.47
N GLY B 316 -9.46 -0.68 -11.05
CA GLY B 316 -10.26 -1.46 -11.98
C GLY B 316 -10.92 -0.55 -13.01
N TYR B 317 -11.57 0.48 -12.50
CA TYR B 317 -12.26 1.47 -13.33
C TYR B 317 -11.32 2.13 -14.34
N SER B 318 -10.10 2.42 -13.90
CA SER B 318 -9.13 3.09 -14.77
C SER B 318 -8.70 2.14 -15.86
N ASN B 319 -8.67 0.84 -15.55
CA ASN B 319 -8.27 -0.17 -16.52
C ASN B 319 -9.38 -0.41 -17.54
N LYS B 320 -10.63 -0.42 -17.08
CA LYS B 320 -11.76 -0.61 -17.98
C LYS B 320 -11.94 0.63 -18.86
N VAL B 321 -11.49 1.78 -18.38
CA VAL B 321 -11.58 3.00 -19.19
C VAL B 321 -10.69 2.79 -20.42
N LEU B 322 -9.51 2.21 -20.19
CA LEU B 322 -8.57 1.93 -21.28
C LEU B 322 -9.14 0.85 -22.19
N ASP B 323 -10.03 0.04 -21.63
CA ASP B 323 -10.69 -1.03 -22.36
C ASP B 323 -11.69 -0.44 -23.35
N LEU B 324 -12.53 0.44 -22.85
CA LEU B 324 -13.54 1.11 -23.66
C LEU B 324 -12.81 1.86 -24.77
N ILE B 325 -11.75 2.59 -24.43
CA ILE B 325 -10.98 3.35 -25.41
C ILE B 325 -10.51 2.43 -26.53
N ALA B 326 -9.92 1.30 -26.14
CA ALA B 326 -9.43 0.34 -27.11
C ALA B 326 -10.60 -0.20 -27.93
N HIS B 327 -11.72 -0.34 -27.25
CA HIS B 327 -12.95 -0.84 -27.84
C HIS B 327 -13.54 0.07 -28.91
N ILE B 328 -13.79 1.33 -28.55
CA ILE B 328 -14.37 2.28 -29.50
C ILE B 328 -13.39 2.68 -30.60
N SER B 329 -12.12 2.37 -30.39
CA SER B 329 -11.10 2.73 -31.37
C SER B 329 -11.07 1.63 -32.41
N LYS B 330 -12.01 0.70 -32.28
CA LYS B 330 -12.18 -0.44 -33.17
C LYS B 330 -11.53 -1.69 -32.60
PA NAD C . 3.80 -9.18 16.50
O1A NAD C . 2.96 -9.26 17.74
O2A NAD C . 3.10 -8.73 15.27
O5B NAD C . 4.47 -10.61 16.21
C5B NAD C . 4.84 -11.50 17.31
C4B NAD C . 4.34 -12.92 17.03
O4B NAD C . 4.74 -13.76 18.14
C3B NAD C . 2.81 -13.05 16.95
O3B NAD C . 2.46 -13.48 15.63
C2B NAD C . 2.51 -14.00 18.13
O2B NAD C . 1.32 -14.81 17.92
C1B NAD C . 3.79 -14.79 18.24
N9A NAD C . 4.04 -15.48 19.53
C8A NAD C . 3.62 -15.09 20.77
N7A NAD C . 3.99 -15.91 21.75
C5A NAD C . 4.72 -16.91 21.11
C6A NAD C . 5.39 -18.04 21.63
N6A NAD C . 5.44 -18.42 22.90
N1A NAD C . 6.03 -18.85 20.72
C2A NAD C . 5.98 -18.48 19.38
N3A NAD C . 5.40 -17.45 18.81
C4A NAD C . 4.76 -16.68 19.74
O3 NAD C . 4.98 -8.25 16.78
PN NAD C . 6.20 -7.77 15.80
O1N NAD C . 5.77 -6.45 15.30
O2N NAD C . 6.31 -8.84 14.77
O5D NAD C . 7.38 -7.64 16.82
C5D NAD C . 8.44 -8.59 16.68
C4D NAD C . 9.54 -8.28 17.65
O4D NAD C . 10.35 -7.41 16.85
C3D NAD C . 9.20 -7.48 18.89
O3D NAD C . 10.09 -7.82 19.95
C2D NAD C . 9.42 -6.03 18.45
O2D NAD C . 9.86 -5.23 19.56
C1D NAD C . 10.50 -6.15 17.43
N1N NAD C . 10.41 -5.13 16.37
C2N NAD C . 9.18 -4.66 15.86
C3N NAD C . 9.13 -3.63 14.77
C7N NAD C . 7.82 -3.20 14.28
O7N NAD C . 7.79 -2.35 13.39
N7N NAD C . 6.66 -3.71 14.76
C4N NAD C . 10.43 -3.10 14.20
C5N NAD C . 11.63 -3.70 14.87
C6N NAD C . 11.62 -4.61 15.83
PA NAD D . -9.54 14.32 -8.76
O1A NAD D . -10.01 15.58 -8.17
O2A NAD D . -8.49 13.56 -8.04
O5B NAD D . -9.02 14.58 -10.28
C5B NAD D . -9.52 15.70 -11.09
C4B NAD D . -8.34 16.55 -11.68
O4B NAD D . -8.96 17.59 -12.48
C3B NAD D . -7.51 17.30 -10.63
O3B NAD D . -6.13 16.89 -10.72
C2B NAD D . -7.81 18.79 -10.96
O2B NAD D . -6.71 19.68 -10.61
C1B NAD D . -8.11 18.70 -12.44
N9A NAD D . -8.86 19.83 -13.03
C8A NAD D . -9.76 20.66 -12.42
N7A NAD D . -10.27 21.57 -13.24
C5A NAD D . -9.66 21.32 -14.46
C6A NAD D . -9.79 21.94 -15.73
N6A NAD D . -10.58 22.96 -16.01
N1A NAD D . -9.04 21.45 -16.77
C2A NAD D . -8.21 20.39 -16.48
N3A NAD D . -8.02 19.73 -15.36
C4A NAD D . -8.78 20.24 -14.36
O3 NAD D . -10.78 13.40 -8.93
PN NAD D . -10.90 11.88 -9.48
O1N NAD D . -11.09 11.06 -8.26
O2N NAD D . -9.65 11.58 -10.24
O5D NAD D . -12.24 11.96 -10.33
C5D NAD D . -12.10 11.78 -11.75
C4D NAD D . -13.45 11.75 -12.41
O4D NAD D . -13.64 10.32 -12.51
C3D NAD D . -14.66 12.25 -11.62
O3D NAD D . -15.61 12.81 -12.52
C2D NAD D . -15.22 10.98 -10.94
O2D NAD D . -16.67 11.06 -10.88
C1D NAD D . -14.78 9.86 -11.84
N1N NAD D . -14.40 8.64 -11.11
C2N NAD D . -13.68 8.66 -9.90
C3N NAD D . -13.30 7.40 -9.20
C7N NAD D . -12.54 7.51 -7.91
O7N NAD D . -12.26 6.45 -7.34
N7N NAD D . -12.17 8.67 -7.38
C4N NAD D . -13.68 6.08 -9.82
C5N NAD D . -14.44 6.23 -11.10
C6N NAD D . -14.75 7.37 -11.67
#